data_4JXI
#
_entry.id   4JXI
#
_cell.length_a   63.201
_cell.length_b   90.122
_cell.length_c   137.349
_cell.angle_alpha   90.00
_cell.angle_beta   90.00
_cell.angle_gamma   90.00
#
_symmetry.space_group_name_H-M   'P 21 21 21'
#
loop_
_entity.id
_entity.type
_entity.pdbx_description
1 polymer 'design cystein esterase'
2 non-polymer 'BROMIDE ION'
3 non-polymer GLYCEROL
4 non-polymer 3,6,9,12,15,18,21,24-OCTAOXAHEXACOSAN-1-OL
5 water water
#
_entity_poly.entity_id   1
_entity_poly.type   'polypeptide(L)'
_entity_poly.pdbx_seq_one_letter_code
;(MSE)GSH(MSE)EVNLR(MSE)SWWGGNGRHQVTLKALEEFHKQHPNINVKAEYTGWDGHLSRLTTQIAGGTEPDV
(MSE)QTNWNWLPIFSKDGTGFYNLFSVKEQLDLAQFDPKELQQTTVNGKLNGIPISVTA(MSE)IFYFNDATWAKAGLE
YPKTWDELLAAGKVFKEKLGDQYYPVVLCAGQTLVLIRSY(MSE)TQKYNIPTIDEANKKFAYSPEQWVEFFT(MSE)YK
T(MSE)VDNHV(MSE)PSTKYYASIVKSSYYE(MSE)KPWINGEWAGTY(MSE)WNSTITKYSDNLTKPAKLVLGPYP
(MSE)LPGAKDAGLFFLPAQ(MSE)LSIGKSTKHPQESA(MSE)LINFLLNSKEGVEALGLERGVPLSATAVTQLRASGV
IKDEDPSVAGLN(MSE)ALELPHP(MSE)TTSPYFLDWQIWSLFLDAIQYIDYGQKTVQETAEYFNKQGDRILKRA
(MSE)RGSLEHHHHHH
;
_entity_poly.pdbx_strand_id   A,B
#
# COMPACT_ATOMS: atom_id res chain seq x y z
N SER A 3 20.07 -16.67 42.72
CA SER A 3 21.53 -16.66 42.80
C SER A 3 22.16 -16.22 41.47
N HIS A 4 23.05 -15.25 41.56
CA HIS A 4 23.93 -14.81 40.45
C HIS A 4 23.35 -14.88 39.02
N GLU A 6 22.21 -14.59 35.28
CA GLU A 6 20.92 -14.35 34.63
CA GLU A 6 20.95 -14.20 34.66
C GLU A 6 21.09 -14.22 33.13
N VAL A 7 19.97 -14.30 32.42
CA VAL A 7 20.00 -14.37 30.97
C VAL A 7 19.29 -13.20 30.35
N ASN A 8 20.00 -12.47 29.49
CA ASN A 8 19.44 -11.31 28.79
C ASN A 8 19.08 -11.61 27.33
N LEU A 9 17.78 -11.63 27.03
CA LEU A 9 17.27 -11.88 25.69
C LEU A 9 16.90 -10.59 24.99
N ARG A 10 17.01 -10.58 23.67
CA ARG A 10 16.45 -9.51 22.85
C ARG A 10 15.32 -10.09 21.99
N SER A 12 12.49 -8.82 18.89
CA SER A 12 11.90 -7.83 17.99
C SER A 12 10.49 -8.22 17.58
N TRP A 13 9.71 -7.19 17.23
CA TRP A 13 8.47 -7.36 16.49
C TRP A 13 8.14 -6.01 15.86
N TRP A 14 7.20 -6.01 14.90
CA TRP A 14 6.68 -4.79 14.32
C TRP A 14 5.19 -4.78 14.60
N GLY A 15 4.58 -3.59 14.48
CA GLY A 15 3.16 -3.45 14.71
C GLY A 15 2.81 -2.01 15.05
N GLY A 16 1.54 -1.75 15.33
CA GLY A 16 1.08 -0.46 15.80
C GLY A 16 1.27 -0.37 17.30
N ASN A 17 0.92 0.77 17.90
CA ASN A 17 1.07 0.91 19.35
C ASN A 17 0.23 -0.11 20.11
N GLY A 18 -0.91 -0.51 19.55
CA GLY A 18 -1.77 -1.49 20.18
C GLY A 18 -1.12 -2.85 20.36
N ARG A 19 -0.36 -3.29 19.36
CA ARG A 19 0.41 -4.53 19.47
C ARG A 19 1.53 -4.36 20.48
N HIS A 20 2.20 -3.20 20.44
CA HIS A 20 3.28 -2.91 21.36
C HIS A 20 2.83 -3.02 22.80
N GLN A 21 1.71 -2.39 23.13
CA GLN A 21 1.23 -2.41 24.51
C GLN A 21 0.99 -3.82 25.06
N VAL A 22 0.26 -4.67 24.33
CA VAL A 22 -0.02 -6.02 24.84
C VAL A 22 1.21 -6.92 24.87
N THR A 23 2.12 -6.72 23.91
CA THR A 23 3.36 -7.46 23.86
C THR A 23 4.22 -7.08 25.04
N LEU A 24 4.40 -5.78 25.25
CA LEU A 24 5.12 -5.27 26.42
C LEU A 24 4.53 -5.83 27.71
N LYS A 25 3.20 -5.94 27.72
CA LYS A 25 2.49 -6.51 28.89
C LYS A 25 2.81 -7.99 29.05
N ALA A 26 2.72 -8.75 27.96
CA ALA A 26 3.09 -10.17 27.99
C ALA A 26 4.52 -10.42 28.49
N LEU A 27 5.46 -9.60 28.04
CA LEU A 27 6.86 -9.70 28.50
C LEU A 27 7.01 -9.50 30.02
N GLU A 28 6.28 -8.54 30.57
CA GLU A 28 6.29 -8.35 32.00
C GLU A 28 5.82 -9.62 32.73
N GLU A 29 4.74 -10.24 32.26
CA GLU A 29 4.24 -11.48 32.84
C GLU A 29 5.25 -12.62 32.74
N PHE A 30 5.94 -12.70 31.60
CA PHE A 30 6.99 -13.69 31.39
C PHE A 30 8.12 -13.58 32.42
N HIS A 31 8.61 -12.35 32.63
CA HIS A 31 9.66 -12.11 33.60
C HIS A 31 9.22 -12.40 35.05
N LYS A 32 7.96 -12.12 35.37
CA LYS A 32 7.36 -12.54 36.63
C LYS A 32 7.58 -14.04 36.90
N GLN A 33 7.35 -14.86 35.88
CA GLN A 33 7.42 -16.31 36.04
C GLN A 33 8.79 -16.90 35.68
N HIS A 34 9.69 -16.04 35.19
CA HIS A 34 11.04 -16.45 34.88
C HIS A 34 11.97 -15.32 35.31
N PRO A 35 12.14 -15.17 36.63
CA PRO A 35 12.75 -13.96 37.17
C PRO A 35 14.23 -13.86 36.82
N ASN A 36 14.82 -14.93 36.29
CA ASN A 36 16.22 -14.92 35.91
C ASN A 36 16.40 -14.72 34.39
N ILE A 37 15.31 -14.42 33.69
CA ILE A 37 15.38 -14.10 32.26
C ILE A 37 14.74 -12.74 31.96
N ASN A 38 15.55 -11.79 31.52
CA ASN A 38 15.04 -10.47 31.15
C ASN A 38 14.85 -10.36 29.65
N VAL A 39 13.89 -9.54 29.24
CA VAL A 39 13.69 -9.32 27.83
C VAL A 39 13.78 -7.84 27.41
N LYS A 40 14.79 -7.55 26.62
CA LYS A 40 14.91 -6.25 25.99
C LYS A 40 14.08 -6.26 24.69
N ALA A 41 13.10 -5.38 24.61
CA ALA A 41 12.16 -5.33 23.47
C ALA A 41 12.61 -4.36 22.37
N GLU A 42 12.73 -4.85 21.14
CA GLU A 42 13.11 -3.98 20.02
C GLU A 42 11.98 -3.90 18.98
N TYR A 43 11.14 -2.89 19.11
CA TYR A 43 9.92 -2.86 18.31
C TYR A 43 9.77 -1.54 17.56
N THR A 44 9.24 -1.64 16.34
CA THR A 44 8.97 -0.47 15.50
C THR A 44 7.66 -0.69 14.71
N GLY A 45 7.37 0.20 13.78
CA GLY A 45 6.33 -0.06 12.79
C GLY A 45 6.91 -0.95 11.70
N TRP A 46 6.10 -1.30 10.72
CA TRP A 46 6.53 -2.13 9.60
C TRP A 46 7.67 -1.51 8.80
N ASP A 47 7.58 -0.22 8.54
CA ASP A 47 8.54 0.41 7.65
C ASP A 47 9.94 0.37 8.25
N GLY A 48 10.90 -0.08 7.44
CA GLY A 48 12.29 -0.11 7.85
C GLY A 48 12.66 -1.32 8.67
N HIS A 49 11.65 -2.10 9.06
CA HIS A 49 11.87 -3.22 9.98
C HIS A 49 12.60 -4.41 9.38
N LEU A 50 12.14 -4.86 8.22
CA LEU A 50 12.81 -5.93 7.48
C LEU A 50 14.26 -5.52 7.20
N SER A 51 14.41 -4.35 6.61
CA SER A 51 15.71 -3.78 6.26
C SER A 51 16.69 -3.76 7.43
N ARG A 52 16.26 -3.28 8.59
CA ARG A 52 17.10 -3.28 9.80
C ARG A 52 17.44 -4.71 10.21
N LEU A 53 16.43 -5.57 10.22
CA LEU A 53 16.63 -6.94 10.65
C LEU A 53 17.55 -7.69 9.68
N THR A 54 17.40 -7.40 8.38
CA THR A 54 18.28 -7.95 7.34
C THR A 54 19.77 -7.76 7.65
N THR A 55 20.16 -6.54 8.00
CA THR A 55 21.57 -6.26 8.33
C THR A 55 21.99 -6.97 9.63
N GLN A 56 21.09 -7.08 10.59
CA GLN A 56 21.40 -7.78 11.84
C GLN A 56 21.64 -9.26 11.59
N ILE A 57 20.73 -9.88 10.84
CA ILE A 57 20.84 -11.30 10.51
C ILE A 57 22.13 -11.58 9.76
N ALA A 58 22.47 -10.72 8.80
CA ALA A 58 23.71 -10.88 8.04
C ALA A 58 24.95 -10.90 8.94
N GLY A 59 25.00 -9.99 9.90
CA GLY A 59 26.14 -9.90 10.78
C GLY A 59 26.04 -10.73 12.05
N GLY A 60 24.97 -11.49 12.21
CA GLY A 60 24.84 -12.36 13.36
C GLY A 60 24.61 -11.60 14.65
N THR A 61 24.00 -10.41 14.54
CA THR A 61 23.60 -9.66 15.73
C THR A 61 22.08 -9.52 15.84
N GLU A 62 21.33 -10.41 15.18
CA GLU A 62 19.87 -10.39 15.27
C GLU A 62 19.40 -10.76 16.69
N PRO A 63 18.15 -10.39 17.04
CA PRO A 63 17.64 -10.71 18.38
C PRO A 63 17.48 -12.22 18.59
N ASP A 64 17.36 -12.62 19.85
CA ASP A 64 17.17 -14.03 20.17
C ASP A 64 15.79 -14.52 19.71
N VAL A 65 14.77 -13.68 19.86
CA VAL A 65 13.43 -14.02 19.43
C VAL A 65 12.84 -12.97 18.48
N GLN A 67 9.64 -11.81 15.84
CA GLN A 67 8.43 -11.91 15.04
C GLN A 67 8.88 -11.89 13.59
N THR A 68 8.47 -12.89 12.83
CA THR A 68 8.89 -13.00 11.43
C THR A 68 7.68 -13.19 10.51
N ASN A 69 7.84 -12.91 9.23
CA ASN A 69 6.81 -13.26 8.25
C ASN A 69 7.15 -14.57 7.56
N TRP A 70 6.13 -15.29 7.10
CA TRP A 70 6.34 -16.54 6.38
C TRP A 70 7.29 -16.39 5.18
N ASN A 71 7.16 -15.30 4.43
CA ASN A 71 7.99 -15.15 3.22
C ASN A 71 9.40 -14.70 3.50
N TRP A 72 9.80 -14.67 4.76
CA TRP A 72 11.20 -14.40 5.09
C TRP A 72 12.03 -15.68 5.00
N LEU A 73 11.36 -16.83 4.92
CA LEU A 73 12.08 -18.10 4.74
C LEU A 73 12.84 -18.13 3.41
N PRO A 74 12.17 -17.75 2.29
CA PRO A 74 12.90 -17.57 1.02
C PRO A 74 14.04 -16.55 1.09
N ILE A 75 13.94 -15.57 1.98
CA ILE A 75 14.96 -14.54 2.09
C ILE A 75 16.16 -14.98 2.92
N PHE A 76 15.91 -15.49 4.12
CA PHE A 76 16.97 -15.75 5.08
C PHE A 76 17.36 -17.22 5.23
N SER A 77 16.52 -18.12 4.71
CA SER A 77 16.62 -19.52 5.10
C SER A 77 16.20 -20.48 4.00
N LYS A 78 16.74 -20.28 2.79
CA LYS A 78 16.48 -21.19 1.68
C LYS A 78 16.91 -22.61 2.05
N ASP A 79 17.94 -22.70 2.90
CA ASP A 79 18.55 -23.95 3.38
C ASP A 79 17.84 -24.54 4.58
N GLY A 80 17.07 -23.71 5.26
CA GLY A 80 16.47 -24.09 6.53
C GLY A 80 17.36 -23.77 7.71
N THR A 81 18.56 -23.25 7.45
CA THR A 81 19.53 -22.97 8.52
C THR A 81 19.60 -21.48 8.90
N GLY A 82 18.77 -20.65 8.28
CA GLY A 82 18.80 -19.22 8.53
C GLY A 82 18.18 -18.80 9.85
N PHE A 83 17.37 -19.67 10.42
CA PHE A 83 16.90 -19.46 11.79
C PHE A 83 17.24 -20.70 12.57
N TYR A 84 17.13 -20.60 13.89
CA TYR A 84 17.40 -21.74 14.74
C TYR A 84 16.40 -22.85 14.47
N ASN A 85 16.85 -24.11 14.53
CA ASN A 85 15.97 -25.26 14.37
C ASN A 85 15.15 -25.51 15.63
N LEU A 86 13.87 -25.17 15.59
CA LEU A 86 12.99 -25.30 16.75
C LEU A 86 12.80 -26.75 17.20
N PHE A 87 13.09 -27.70 16.31
CA PHE A 87 13.09 -29.12 16.68
C PHE A 87 14.15 -29.40 17.77
N SER A 88 15.19 -28.58 17.83
CA SER A 88 16.24 -28.81 18.82
C SER A 88 15.87 -28.33 20.22
N VAL A 89 14.73 -27.66 20.36
CA VAL A 89 14.28 -27.17 21.67
C VAL A 89 12.85 -27.55 22.00
N LYS A 90 12.44 -28.76 21.61
CA LYS A 90 11.08 -29.21 21.90
C LYS A 90 10.80 -29.49 23.38
N GLU A 91 11.85 -29.58 24.19
CA GLU A 91 11.66 -29.74 25.62
C GLU A 91 11.22 -28.45 26.29
N GLN A 92 11.54 -27.32 25.68
CA GLN A 92 11.12 -26.03 26.20
C GLN A 92 9.89 -25.49 25.44
N LEU A 93 9.67 -26.03 24.25
CA LEU A 93 8.62 -25.52 23.36
C LEU A 93 7.61 -26.63 23.11
N ASP A 94 6.38 -26.41 23.55
CA ASP A 94 5.35 -27.45 23.48
C ASP A 94 4.76 -27.56 22.06
N LEU A 95 5.46 -28.26 21.18
CA LEU A 95 5.11 -28.30 19.77
C LEU A 95 3.80 -29.02 19.45
N ALA A 96 3.26 -29.80 20.40
CA ALA A 96 2.02 -30.54 20.16
C ALA A 96 0.79 -29.62 20.08
N GLN A 97 0.94 -28.39 20.57
CA GLN A 97 -0.16 -27.42 20.58
C GLN A 97 -0.45 -26.86 19.18
N PHE A 98 0.42 -27.17 18.23
CA PHE A 98 0.32 -26.61 16.89
C PHE A 98 0.19 -27.73 15.89
N ASP A 99 -0.89 -27.69 15.11
CA ASP A 99 -1.16 -28.68 14.08
C ASP A 99 0.10 -28.96 13.24
N PRO A 100 0.51 -30.23 13.22
CA PRO A 100 1.76 -30.69 12.58
C PRO A 100 1.83 -30.26 11.13
N LYS A 101 0.66 -30.25 10.51
CA LYS A 101 0.49 -29.93 9.11
C LYS A 101 0.82 -28.48 8.85
N GLU A 102 0.36 -27.60 9.73
CA GLU A 102 0.71 -26.18 9.67
C GLU A 102 2.20 -25.95 9.91
N LEU A 103 2.80 -26.77 10.77
CA LEU A 103 4.24 -26.67 11.01
C LEU A 103 5.08 -27.13 9.81
N GLN A 104 4.55 -28.02 8.98
CA GLN A 104 5.22 -28.40 7.74
C GLN A 104 5.55 -27.18 6.92
N GLN A 105 4.58 -26.26 6.82
CA GLN A 105 4.75 -25.07 5.99
C GLN A 105 5.84 -24.12 6.47
N THR A 106 6.22 -24.27 7.73
CA THR A 106 7.22 -23.41 8.31
C THR A 106 8.44 -24.26 8.62
N THR A 107 8.51 -25.43 7.98
CA THR A 107 9.66 -26.32 8.06
C THR A 107 10.44 -26.25 6.75
N VAL A 108 11.75 -26.13 6.84
CA VAL A 108 12.59 -26.08 5.63
C VAL A 108 13.77 -27.05 5.77
N ASN A 109 13.84 -28.01 4.86
CA ASN A 109 14.87 -29.05 4.89
C ASN A 109 14.81 -29.84 6.19
N GLY A 110 13.60 -30.10 6.66
CA GLY A 110 13.42 -30.82 7.91
C GLY A 110 13.81 -30.01 9.15
N LYS A 111 13.96 -28.71 9.00
CA LYS A 111 14.27 -27.83 10.14
C LYS A 111 13.14 -26.83 10.41
N LEU A 112 12.62 -26.85 11.62
CA LEU A 112 11.52 -25.97 11.99
C LEU A 112 12.05 -24.56 12.18
N ASN A 113 11.61 -23.65 11.32
CA ASN A 113 12.15 -22.30 11.29
C ASN A 113 11.27 -21.27 11.99
N GLY A 114 10.02 -21.62 12.24
CA GLY A 114 9.17 -20.76 13.04
C GLY A 114 7.87 -21.43 13.45
N ILE A 115 7.19 -20.86 14.43
CA ILE A 115 5.86 -21.31 14.79
C ILE A 115 4.87 -20.26 14.34
N PRO A 116 3.87 -20.67 13.53
CA PRO A 116 2.83 -19.71 13.14
C PRO A 116 2.15 -19.19 14.40
N ILE A 117 2.15 -17.87 14.61
CA ILE A 117 1.42 -17.30 15.73
C ILE A 117 -0.08 -17.54 15.53
N SER A 118 -0.51 -17.28 14.31
CA SER A 118 -1.91 -17.40 13.90
C SER A 118 -1.92 -17.85 12.42
N VAL A 119 -2.96 -18.56 11.99
CA VAL A 119 -3.07 -18.88 10.56
C VAL A 119 -4.42 -18.44 10.01
N THR A 120 -4.42 -18.08 8.73
CA THR A 120 -5.63 -17.65 8.07
C THR A 120 -5.71 -18.26 6.67
N ALA A 121 -6.94 -18.49 6.21
CA ALA A 121 -7.18 -19.06 4.89
C ALA A 121 -8.01 -18.12 4.00
N ILE A 123 -10.98 -17.58 1.75
CA ILE A 123 -12.30 -18.18 1.55
C ILE A 123 -13.32 -17.12 1.07
N PHE A 124 -14.52 -17.60 0.77
CA PHE A 124 -15.62 -16.80 0.24
C PHE A 124 -16.47 -16.16 1.33
N TYR A 125 -16.65 -14.85 1.22
CA TYR A 125 -17.65 -14.12 1.99
C TYR A 125 -18.55 -13.34 1.03
N PHE A 126 -19.87 -13.34 1.27
CA PHE A 126 -20.82 -12.71 0.34
C PHE A 126 -21.70 -11.61 0.96
N ASN A 127 -22.10 -10.68 0.10
CA ASN A 127 -23.06 -9.64 0.48
C ASN A 127 -24.43 -10.30 0.52
N ASP A 128 -24.98 -10.49 1.71
CA ASP A 128 -26.19 -11.30 1.88
C ASP A 128 -27.42 -10.70 1.22
N ALA A 129 -27.53 -9.38 1.28
CA ALA A 129 -28.63 -8.67 0.63
C ALA A 129 -28.62 -8.91 -0.87
N THR A 130 -27.48 -8.67 -1.49
CA THR A 130 -27.41 -8.76 -2.94
C THR A 130 -27.77 -10.16 -3.43
N TRP A 131 -27.24 -11.18 -2.77
CA TRP A 131 -27.57 -12.55 -3.15
C TRP A 131 -29.03 -12.89 -2.88
N ALA A 132 -29.63 -12.24 -1.90
CA ALA A 132 -31.07 -12.41 -1.66
C ALA A 132 -31.84 -11.71 -2.79
N LYS A 133 -31.27 -10.63 -3.31
CA LYS A 133 -31.88 -9.94 -4.44
C LYS A 133 -31.81 -10.85 -5.67
N ALA A 134 -30.71 -11.56 -5.82
CA ALA A 134 -30.56 -12.46 -6.96
C ALA A 134 -31.41 -13.72 -6.82
N GLY A 135 -31.85 -14.02 -5.60
CA GLY A 135 -32.60 -15.24 -5.33
C GLY A 135 -31.76 -16.50 -5.30
N LEU A 136 -30.46 -16.35 -5.07
CA LEU A 136 -29.56 -17.50 -5.12
C LEU A 136 -29.05 -17.91 -3.75
N GLU A 137 -28.94 -19.21 -3.54
CA GLU A 137 -28.11 -19.72 -2.46
C GLU A 137 -26.66 -19.54 -2.88
N TYR A 138 -25.78 -19.38 -1.89
CA TYR A 138 -24.36 -19.24 -2.14
C TYR A 138 -23.90 -20.54 -2.80
N PRO A 139 -22.88 -20.46 -3.66
CA PRO A 139 -22.45 -21.63 -4.44
C PRO A 139 -21.74 -22.69 -3.60
N LYS A 140 -22.11 -23.95 -3.79
CA LYS A 140 -21.41 -25.05 -3.16
C LYS A 140 -20.52 -25.78 -4.17
N THR A 141 -20.56 -25.35 -5.42
CA THR A 141 -19.74 -25.94 -6.49
C THR A 141 -19.24 -24.84 -7.44
N TRP A 142 -18.23 -25.17 -8.23
CA TRP A 142 -17.68 -24.21 -9.18
C TRP A 142 -18.71 -23.90 -10.26
N ASP A 143 -19.44 -24.93 -10.69
CA ASP A 143 -20.48 -24.75 -11.69
C ASP A 143 -21.56 -23.81 -11.19
N GLU A 144 -21.89 -23.91 -9.91
CA GLU A 144 -22.85 -22.99 -9.31
C GLU A 144 -22.32 -21.57 -9.26
N LEU A 145 -21.04 -21.42 -8.93
CA LEU A 145 -20.41 -20.10 -8.96
C LEU A 145 -20.46 -19.54 -10.39
N LEU A 146 -20.16 -20.37 -11.38
CA LEU A 146 -20.24 -19.95 -12.76
C LEU A 146 -21.67 -19.58 -13.15
N ALA A 147 -22.63 -20.45 -12.78
CA ALA A 147 -24.03 -20.19 -13.08
C ALA A 147 -24.51 -18.89 -12.43
N ALA A 148 -23.97 -18.58 -11.24
CA ALA A 148 -24.30 -17.36 -10.51
C ALA A 148 -23.95 -16.08 -11.27
N GLY A 149 -22.91 -16.15 -12.09
CA GLY A 149 -22.47 -14.97 -12.82
C GLY A 149 -23.51 -14.52 -13.83
N LYS A 150 -24.09 -15.48 -14.55
CA LYS A 150 -25.12 -15.14 -15.52
C LYS A 150 -26.45 -14.78 -14.88
N VAL A 151 -26.78 -15.39 -13.74
CA VAL A 151 -27.98 -14.97 -13.03
C VAL A 151 -27.85 -13.53 -12.54
N PHE A 152 -26.67 -13.18 -12.00
CA PHE A 152 -26.40 -11.80 -11.60
C PHE A 152 -26.49 -10.82 -12.77
N LYS A 153 -25.93 -11.21 -13.91
CA LYS A 153 -25.88 -10.37 -15.09
C LYS A 153 -27.27 -9.98 -15.59
N GLU A 154 -28.16 -10.94 -15.78
CA GLU A 154 -29.45 -10.64 -16.39
C GLU A 154 -30.58 -10.27 -15.42
N LYS A 155 -30.55 -10.83 -14.21
CA LYS A 155 -31.59 -10.55 -13.22
C LYS A 155 -31.38 -9.23 -12.44
N LEU A 156 -30.14 -8.89 -12.12
CA LEU A 156 -29.85 -7.68 -11.36
C LEU A 156 -29.28 -6.60 -12.26
N GLY A 157 -28.48 -7.01 -13.23
CA GLY A 157 -27.89 -6.07 -14.15
C GLY A 157 -26.43 -6.31 -14.43
N ASP A 158 -25.97 -5.76 -15.55
CA ASP A 158 -24.60 -5.93 -16.01
C ASP A 158 -23.52 -5.42 -15.03
N GLN A 159 -23.90 -4.52 -14.11
CA GLN A 159 -22.93 -3.97 -13.16
C GLN A 159 -22.78 -4.81 -11.90
N TYR A 160 -23.62 -5.83 -11.77
CA TYR A 160 -23.62 -6.75 -10.63
C TYR A 160 -22.81 -8.01 -10.91
N TYR A 161 -21.95 -8.39 -9.95
CA TYR A 161 -21.13 -9.59 -10.02
C TYR A 161 -21.22 -10.34 -8.71
N PRO A 162 -21.24 -11.68 -8.77
CA PRO A 162 -21.20 -12.49 -7.55
C PRO A 162 -20.09 -12.05 -6.60
N VAL A 163 -18.88 -11.80 -7.13
CA VAL A 163 -17.74 -11.38 -6.33
C VAL A 163 -16.90 -10.37 -7.11
N VAL A 164 -16.03 -9.64 -6.40
CA VAL A 164 -14.93 -8.88 -7.05
C VAL A 164 -13.59 -9.45 -6.59
N LEU A 165 -12.60 -9.51 -7.48
CA LEU A 165 -11.35 -10.21 -7.19
C LEU A 165 -10.08 -9.46 -7.65
N CYS A 166 -9.18 -9.20 -6.71
CA CYS A 166 -7.81 -8.85 -7.01
C CYS A 166 -7.19 -9.97 -7.87
N ALA A 167 -6.17 -9.61 -8.63
CA ALA A 167 -5.46 -10.57 -9.45
C ALA A 167 -4.89 -11.71 -8.59
N GLY A 168 -4.31 -11.35 -7.45
CA GLY A 168 -3.68 -12.33 -6.57
C GLY A 168 -4.69 -13.28 -5.95
N GLN A 169 -5.87 -12.76 -5.63
CA GLN A 169 -6.96 -13.58 -5.09
C GLN A 169 -7.47 -14.57 -6.12
N THR A 170 -7.54 -14.12 -7.37
CA THR A 170 -7.91 -15.00 -8.46
C THR A 170 -6.86 -16.11 -8.63
N LEU A 171 -5.57 -15.73 -8.56
CA LEU A 171 -4.47 -16.70 -8.64
C LEU A 171 -4.65 -17.83 -7.62
N VAL A 172 -4.96 -17.46 -6.38
CA VAL A 172 -5.14 -18.44 -5.30
C VAL A 172 -6.40 -19.26 -5.52
N LEU A 173 -7.46 -18.61 -6.00
CA LEU A 173 -8.72 -19.27 -6.28
C LEU A 173 -8.57 -20.36 -7.34
N ILE A 174 -7.92 -20.03 -8.44
CA ILE A 174 -7.77 -21.01 -9.51
C ILE A 174 -6.77 -22.10 -9.11
N ARG A 175 -5.75 -21.74 -8.32
CA ARG A 175 -4.84 -22.73 -7.75
C ARG A 175 -5.62 -23.77 -6.94
N SER A 176 -6.56 -23.27 -6.14
CA SER A 176 -7.44 -24.09 -5.32
C SER A 176 -8.22 -25.11 -6.18
N TYR A 177 -8.80 -24.62 -7.27
CA TYR A 177 -9.45 -25.47 -8.24
C TYR A 177 -8.50 -26.51 -8.80
N THR A 179 -5.79 -27.78 -7.49
CA THR A 179 -5.44 -28.76 -6.46
C THR A 179 -6.54 -29.77 -6.29
N GLN A 180 -7.79 -29.27 -6.25
CA GLN A 180 -8.95 -30.13 -6.13
C GLN A 180 -8.93 -31.15 -7.25
N LYS A 181 -8.55 -30.71 -8.44
CA LYS A 181 -8.56 -31.60 -9.59
C LYS A 181 -7.36 -32.54 -9.71
N TYR A 182 -6.16 -32.06 -9.40
CA TYR A 182 -4.94 -32.84 -9.69
C TYR A 182 -4.10 -33.24 -8.48
N ASN A 183 -4.37 -32.63 -7.33
CA ASN A 183 -3.65 -32.92 -6.10
C ASN A 183 -2.13 -32.78 -6.20
N ILE A 184 -1.70 -31.75 -6.92
CA ILE A 184 -0.29 -31.38 -6.98
C ILE A 184 -0.21 -29.92 -6.56
N PRO A 185 0.95 -29.47 -6.07
CA PRO A 185 1.08 -28.07 -5.67
C PRO A 185 1.39 -27.22 -6.90
N THR A 186 1.30 -25.90 -6.80
CA THR A 186 1.58 -25.05 -7.94
C THR A 186 3.08 -25.01 -8.19
N ILE A 187 3.84 -25.03 -7.10
CA ILE A 187 5.28 -24.95 -7.17
C ILE A 187 5.94 -26.29 -6.87
N ASP A 188 6.78 -26.77 -7.78
CA ASP A 188 7.63 -27.94 -7.52
C ASP A 188 8.93 -27.43 -6.89
N GLU A 189 9.00 -27.48 -5.56
CA GLU A 189 10.12 -26.89 -4.83
C GLU A 189 11.46 -27.55 -5.14
N ALA A 190 11.51 -28.87 -5.06
CA ALA A 190 12.75 -29.62 -5.29
C ALA A 190 13.35 -29.39 -6.69
N ASN A 191 12.49 -29.22 -7.70
CA ASN A 191 12.99 -28.95 -9.05
C ASN A 191 13.01 -27.45 -9.37
N LYS A 192 12.61 -26.62 -8.43
CA LYS A 192 12.72 -25.16 -8.55
C LYS A 192 12.03 -24.60 -9.79
N LYS A 193 10.84 -25.11 -10.08
CA LYS A 193 9.99 -24.62 -11.16
C LYS A 193 8.53 -24.91 -10.89
N PHE A 194 7.66 -24.41 -11.77
CA PHE A 194 6.23 -24.67 -11.66
C PHE A 194 5.94 -26.13 -11.94
N ALA A 195 4.99 -26.70 -11.20
CA ALA A 195 4.69 -28.12 -11.31
C ALA A 195 3.72 -28.45 -12.46
N TYR A 196 2.83 -27.53 -12.80
CA TYR A 196 1.80 -27.82 -13.81
C TYR A 196 2.40 -28.13 -15.19
N SER A 197 1.75 -29.02 -15.94
CA SER A 197 2.16 -29.30 -17.32
C SER A 197 1.72 -28.15 -18.21
N PRO A 198 2.27 -28.06 -19.44
CA PRO A 198 1.78 -27.06 -20.39
C PRO A 198 0.25 -27.04 -20.51
N GLU A 199 -0.36 -28.22 -20.61
CA GLU A 199 -1.81 -28.35 -20.79
C GLU A 199 -2.54 -27.87 -19.55
N GLN A 200 -1.96 -28.14 -18.39
CA GLN A 200 -2.55 -27.67 -17.15
C GLN A 200 -2.48 -26.15 -17.03
N TRP A 201 -1.39 -25.56 -17.50
CA TRP A 201 -1.34 -24.11 -17.60
C TRP A 201 -2.39 -23.56 -18.58
N VAL A 202 -2.58 -24.21 -19.72
CA VAL A 202 -3.66 -23.81 -20.61
C VAL A 202 -5.00 -23.89 -19.87
N GLU A 203 -5.19 -24.97 -19.11
CA GLU A 203 -6.43 -25.16 -18.36
C GLU A 203 -6.64 -24.11 -17.27
N PHE A 204 -5.60 -23.86 -16.49
CA PHE A 204 -5.59 -22.79 -15.50
C PHE A 204 -6.17 -21.49 -16.07
N PHE A 205 -5.64 -21.05 -17.20
CA PHE A 205 -6.06 -19.79 -17.79
C PHE A 205 -7.38 -19.91 -18.57
N THR A 206 -7.72 -21.12 -18.98
CA THR A 206 -9.02 -21.34 -19.59
C THR A 206 -10.09 -21.09 -18.54
N TYR A 208 -9.84 -19.08 -15.95
CA TYR A 208 -9.94 -17.64 -15.76
C TYR A 208 -10.88 -17.02 -16.81
N LYS A 209 -10.65 -17.38 -18.07
CA LYS A 209 -11.44 -16.87 -19.19
C LYS A 209 -12.91 -17.29 -19.02
N THR A 210 -13.14 -18.56 -18.70
CA THR A 210 -14.49 -19.07 -18.44
C THR A 210 -15.22 -18.30 -17.35
N VAL A 212 -14.52 -15.08 -16.24
CA VAL A 212 -14.81 -13.71 -16.67
C VAL A 212 -15.92 -13.68 -17.73
N ASP A 213 -15.87 -14.60 -18.70
CA ASP A 213 -16.91 -14.69 -19.72
C ASP A 213 -18.28 -14.91 -19.06
N ASN A 214 -18.30 -15.64 -17.95
CA ASN A 214 -19.53 -15.95 -17.22
C ASN A 214 -19.95 -14.91 -16.19
N HIS A 215 -19.31 -13.74 -16.23
CA HIS A 215 -19.70 -12.63 -15.35
C HIS A 215 -19.54 -12.97 -13.86
N VAL A 216 -18.57 -13.81 -13.51
CA VAL A 216 -18.34 -14.18 -12.11
C VAL A 216 -17.71 -13.02 -11.34
N PRO A 218 -15.67 -8.87 -12.14
CA PRO A 218 -15.29 -7.91 -13.18
C PRO A 218 -13.98 -8.34 -13.82
N SER A 219 -13.87 -8.16 -15.13
CA SER A 219 -12.59 -8.37 -15.80
C SER A 219 -11.62 -7.27 -15.34
N THR A 220 -10.37 -7.37 -15.78
CA THR A 220 -9.36 -6.40 -15.40
C THR A 220 -9.53 -5.02 -16.06
N LYS A 221 -10.48 -4.87 -16.97
CA LYS A 221 -10.76 -3.56 -17.54
C LYS A 221 -11.56 -2.74 -16.53
N TYR A 222 -12.21 -3.43 -15.60
CA TYR A 222 -13.06 -2.76 -14.61
C TYR A 222 -12.40 -2.68 -13.24
N TYR A 223 -11.72 -3.76 -12.87
CA TYR A 223 -10.94 -3.77 -11.64
C TYR A 223 -9.61 -4.47 -11.88
N ALA A 224 -8.52 -3.81 -11.50
CA ALA A 224 -7.19 -4.29 -11.81
C ALA A 224 -6.15 -4.02 -10.71
N SER A 225 -6.20 -4.81 -9.64
CA SER A 225 -5.25 -4.67 -8.55
C SER A 225 -4.59 -6.01 -8.23
N ILE A 226 -3.26 -5.98 -8.02
CA ILE A 226 -2.52 -7.21 -7.71
C ILE A 226 -2.83 -7.78 -6.34
N VAL A 227 -2.58 -7.00 -5.30
CA VAL A 227 -2.73 -7.52 -3.94
C VAL A 227 -3.56 -6.59 -3.08
N LYS A 228 -3.51 -5.29 -3.37
CA LYS A 228 -4.21 -4.30 -2.56
C LYS A 228 -5.72 -4.48 -2.70
N SER A 229 -6.38 -4.82 -1.59
CA SER A 229 -7.81 -5.04 -1.55
C SER A 229 -8.61 -3.76 -1.58
N SER A 230 -8.24 -2.86 -2.48
CA SER A 230 -8.83 -1.53 -2.56
C SER A 230 -10.33 -1.46 -2.89
N TYR A 231 -10.96 -2.60 -3.21
CA TYR A 231 -12.39 -2.63 -3.57
C TYR A 231 -13.33 -2.15 -2.45
N TYR A 232 -12.92 -2.31 -1.20
CA TYR A 232 -13.83 -2.05 -0.08
C TYR A 232 -14.16 -0.57 0.11
N GLU A 233 -13.38 0.30 -0.53
CA GLU A 233 -13.61 1.73 -0.44
C GLU A 233 -14.34 2.25 -1.67
N LYS A 235 -17.41 2.41 -4.70
CA LYS A 235 -18.86 2.48 -4.74
C LYS A 235 -19.61 1.18 -5.07
N PRO A 236 -19.12 0.40 -6.06
CA PRO A 236 -19.89 -0.82 -6.33
C PRO A 236 -19.81 -1.84 -5.18
N TRP A 237 -18.76 -1.76 -4.37
CA TRP A 237 -18.69 -2.59 -3.16
C TRP A 237 -19.74 -2.10 -2.16
N ILE A 238 -19.67 -0.81 -1.84
CA ILE A 238 -20.56 -0.19 -0.86
C ILE A 238 -22.01 -0.32 -1.27
N ASN A 239 -22.28 -0.13 -2.57
CA ASN A 239 -23.64 -0.29 -3.12
C ASN A 239 -24.12 -1.73 -3.26
N GLY A 240 -23.23 -2.69 -3.08
CA GLY A 240 -23.59 -4.09 -3.15
C GLY A 240 -23.61 -4.64 -4.57
N GLU A 241 -22.94 -3.96 -5.48
CA GLU A 241 -22.84 -4.42 -6.86
C GLU A 241 -21.76 -5.51 -7.02
N TRP A 242 -20.59 -5.27 -6.42
CA TRP A 242 -19.56 -6.28 -6.27
C TRP A 242 -19.91 -7.03 -4.99
N ALA A 243 -20.63 -8.14 -5.14
CA ALA A 243 -21.40 -8.76 -4.07
C ALA A 243 -20.70 -9.86 -3.27
N GLY A 244 -19.38 -9.82 -3.21
CA GLY A 244 -18.66 -10.80 -2.41
C GLY A 244 -17.17 -10.70 -2.62
N THR A 245 -16.42 -11.57 -1.95
CA THR A 245 -14.97 -11.51 -1.94
C THR A 245 -14.36 -12.85 -1.61
N TYR A 246 -13.15 -13.07 -2.11
CA TYR A 246 -12.37 -14.26 -1.81
C TYR A 246 -11.08 -13.76 -1.19
N TRP A 248 -8.55 -13.42 2.84
CA TRP A 248 -8.20 -13.93 4.16
C TRP A 248 -9.36 -13.77 5.12
N ASN A 249 -9.66 -14.84 5.86
CA ASN A 249 -10.76 -14.82 6.83
C ASN A 249 -10.52 -13.87 7.98
N SER A 250 -9.26 -13.50 8.18
CA SER A 250 -8.80 -12.84 9.40
C SER A 250 -9.12 -11.36 9.42
N THR A 251 -9.29 -10.77 8.25
CA THR A 251 -9.45 -9.32 8.19
C THR A 251 -10.78 -8.92 7.58
N ILE A 252 -11.84 -9.65 7.91
CA ILE A 252 -13.09 -9.49 7.19
C ILE A 252 -13.96 -8.32 7.69
N THR A 253 -13.80 -7.94 8.96
CA THR A 253 -14.67 -6.96 9.59
C THR A 253 -14.63 -5.58 8.92
N LYS A 254 -13.43 -5.12 8.58
CA LYS A 254 -13.23 -3.85 7.88
C LYS A 254 -14.03 -3.79 6.57
N TYR A 255 -14.00 -4.89 5.83
CA TYR A 255 -14.68 -5.01 4.54
C TYR A 255 -16.20 -5.01 4.71
N SER A 256 -16.71 -5.74 5.71
CA SER A 256 -18.14 -5.87 5.95
C SER A 256 -18.79 -4.58 6.44
N ASP A 257 -18.08 -3.81 7.26
CA ASP A 257 -18.65 -2.60 7.83
C ASP A 257 -18.87 -1.51 6.79
N ASN A 258 -18.21 -1.67 5.64
CA ASN A 258 -18.31 -0.64 4.61
C ASN A 258 -19.48 -0.87 3.65
N LEU A 259 -20.29 -1.86 3.96
CA LEU A 259 -21.49 -2.13 3.16
C LEU A 259 -22.64 -1.28 3.67
N THR A 260 -23.54 -0.92 2.77
CA THR A 260 -24.74 -0.20 3.15
C THR A 260 -25.62 -1.12 4.00
N LYS A 261 -25.87 -0.72 5.24
CA LYS A 261 -26.73 -1.51 6.14
C LYS A 261 -28.14 -1.62 5.57
N PRO A 262 -28.86 -2.71 5.90
CA PRO A 262 -28.51 -3.76 6.87
C PRO A 262 -27.61 -4.85 6.31
N ALA A 263 -27.08 -4.65 5.10
CA ALA A 263 -26.28 -5.66 4.43
C ALA A 263 -24.92 -5.87 5.09
N LYS A 264 -24.54 -7.13 5.24
CA LYS A 264 -23.22 -7.46 5.76
C LYS A 264 -22.61 -8.60 4.99
N LEU A 265 -21.36 -8.91 5.29
CA LEU A 265 -20.70 -10.09 4.76
C LEU A 265 -21.07 -11.30 5.61
N VAL A 266 -21.55 -12.35 4.97
CA VAL A 266 -21.68 -13.62 5.66
C VAL A 266 -20.78 -14.64 4.98
N LEU A 267 -20.35 -15.64 5.77
CA LEU A 267 -19.51 -16.74 5.30
C LEU A 267 -20.19 -17.63 4.25
N GLY A 268 -19.52 -17.82 3.11
CA GLY A 268 -20.04 -18.70 2.07
C GLY A 268 -19.47 -20.10 2.18
N PRO A 269 -20.09 -21.08 1.49
CA PRO A 269 -19.53 -22.43 1.43
C PRO A 269 -18.26 -22.37 0.64
N TYR A 270 -17.45 -23.43 0.68
CA TYR A 270 -16.29 -23.47 -0.21
C TYR A 270 -16.56 -24.43 -1.38
N PRO A 271 -16.58 -23.91 -2.60
CA PRO A 271 -16.93 -24.71 -3.79
C PRO A 271 -16.04 -25.94 -3.94
N LEU A 273 -15.12 -29.44 -6.39
CA LEU A 273 -15.29 -30.36 -7.52
C LEU A 273 -15.77 -31.71 -6.98
N PRO A 274 -16.67 -32.39 -7.71
CA PRO A 274 -17.11 -33.74 -7.32
C PRO A 274 -15.95 -34.72 -7.35
N GLY A 275 -15.79 -35.49 -6.28
CA GLY A 275 -14.70 -36.45 -6.24
C GLY A 275 -13.44 -35.96 -5.58
N ALA A 276 -13.33 -34.65 -5.36
CA ALA A 276 -12.12 -34.09 -4.75
C ALA A 276 -11.88 -34.61 -3.31
N LYS A 277 -10.62 -34.67 -2.92
CA LYS A 277 -10.25 -35.11 -1.56
C LYS A 277 -9.52 -33.98 -0.84
N ASP A 278 -9.40 -32.85 -1.53
CA ASP A 278 -8.65 -31.72 -1.02
C ASP A 278 -9.31 -30.45 -1.55
N ALA A 279 -9.73 -29.57 -0.65
CA ALA A 279 -10.36 -28.31 -1.03
C ALA A 279 -9.35 -27.34 -1.65
N GLY A 280 -8.07 -27.64 -1.46
CA GLY A 280 -7.00 -26.83 -2.00
C GLY A 280 -6.95 -25.45 -1.38
N LEU A 281 -6.93 -25.40 -0.05
CA LEU A 281 -6.94 -24.14 0.68
C LEU A 281 -5.55 -23.53 0.83
N PHE A 282 -5.46 -22.21 0.78
CA PHE A 282 -4.21 -21.51 1.08
C PHE A 282 -4.24 -21.03 2.54
N PHE A 283 -3.48 -21.72 3.39
CA PHE A 283 -3.35 -21.33 4.79
C PHE A 283 -2.04 -20.60 4.93
N LEU A 284 -2.14 -19.35 5.36
CA LEU A 284 -0.97 -18.51 5.54
C LEU A 284 -0.66 -18.37 7.02
N PRO A 285 0.59 -18.62 7.41
CA PRO A 285 0.95 -18.17 8.76
C PRO A 285 1.02 -16.64 8.74
N ALA A 286 0.06 -15.97 9.39
CA ALA A 286 -0.02 -14.51 9.38
C ALA A 286 1.27 -13.89 9.88
N GLN A 287 1.84 -14.53 10.89
CA GLN A 287 3.21 -14.29 11.26
C GLN A 287 3.70 -15.40 12.16
N LEU A 289 6.84 -16.71 15.20
CA LEU A 289 7.94 -16.41 16.10
C LEU A 289 9.08 -17.33 15.71
N SER A 290 10.28 -16.77 15.59
CA SER A 290 11.45 -17.54 15.21
C SER A 290 12.56 -17.27 16.23
N ILE A 291 13.51 -18.20 16.35
CA ILE A 291 14.65 -17.97 17.19
C ILE A 291 15.85 -17.66 16.30
N GLY A 292 16.63 -16.66 16.68
CA GLY A 292 17.85 -16.31 15.98
C GLY A 292 18.80 -17.49 15.84
N LYS A 293 19.23 -17.72 14.61
CA LYS A 293 20.27 -18.68 14.25
C LYS A 293 21.40 -18.63 15.27
N SER A 294 21.90 -17.43 15.54
CA SER A 294 23.10 -17.28 16.36
C SER A 294 22.86 -17.04 17.85
N THR A 295 21.69 -17.41 18.37
CA THR A 295 21.42 -17.15 19.78
C THR A 295 22.34 -17.91 20.73
N LYS A 296 22.76 -17.24 21.79
CA LYS A 296 23.58 -17.87 22.82
C LYS A 296 22.65 -18.52 23.83
N HIS A 297 21.34 -18.31 23.65
CA HIS A 297 20.37 -18.80 24.61
C HIS A 297 19.14 -19.45 23.97
N PRO A 298 19.34 -20.54 23.22
CA PRO A 298 18.21 -21.18 22.53
C PRO A 298 17.15 -21.73 23.47
N GLN A 299 17.52 -22.20 24.66
CA GLN A 299 16.54 -22.73 25.61
C GLN A 299 15.62 -21.64 26.18
N GLU A 300 16.20 -20.53 26.61
CA GLU A 300 15.41 -19.45 27.16
C GLU A 300 14.60 -18.74 26.07
N SER A 301 15.15 -18.66 24.87
CA SER A 301 14.39 -18.12 23.73
C SER A 301 13.17 -19.00 23.44
N ALA A 302 13.37 -20.31 23.55
CA ALA A 302 12.29 -21.27 23.32
C ALA A 302 11.23 -21.14 24.39
N LEU A 304 10.51 -18.41 26.08
CA LEU A 304 9.81 -17.16 25.79
C LEU A 304 8.73 -17.34 24.73
N ILE A 305 9.09 -18.02 23.64
CA ILE A 305 8.11 -18.32 22.60
C ILE A 305 6.97 -19.17 23.16
N ASN A 306 7.33 -20.20 23.94
CA ASN A 306 6.32 -21.07 24.53
C ASN A 306 5.36 -20.32 25.44
N PHE A 307 5.93 -19.42 26.24
CA PHE A 307 5.16 -18.55 27.11
C PHE A 307 4.15 -17.70 26.33
N LEU A 308 4.61 -17.06 25.27
CA LEU A 308 3.78 -16.12 24.50
C LEU A 308 2.63 -16.81 23.76
N LEU A 309 2.87 -18.05 23.34
CA LEU A 309 1.89 -18.75 22.52
C LEU A 309 1.02 -19.76 23.29
N ASN A 310 1.53 -20.30 24.39
CA ASN A 310 0.87 -21.37 25.11
C ASN A 310 0.46 -21.08 26.57
N SER A 311 1.23 -20.30 27.32
CA SER A 311 0.91 -20.11 28.73
C SER A 311 -0.34 -19.25 28.95
N LYS A 312 -1.02 -19.47 30.07
CA LYS A 312 -2.27 -18.79 30.37
C LYS A 312 -2.19 -17.28 30.37
N GLU A 313 -1.20 -16.72 31.05
CA GLU A 313 -1.12 -15.28 31.16
C GLU A 313 -0.42 -14.65 29.93
N GLY A 314 0.45 -15.41 29.29
CA GLY A 314 0.94 -15.01 27.98
C GLY A 314 -0.18 -14.89 26.96
N VAL A 315 -0.95 -15.97 26.78
CA VAL A 315 -2.11 -15.95 25.89
C VAL A 315 -3.09 -14.82 26.25
N GLU A 316 -3.39 -14.66 27.54
CA GLU A 316 -4.38 -13.65 27.98
C GLU A 316 -3.95 -12.22 27.63
N ALA A 317 -2.70 -11.91 27.92
CA ALA A 317 -2.11 -10.63 27.55
C ALA A 317 -2.23 -10.38 26.06
N LEU A 318 -1.77 -11.35 25.28
CA LEU A 318 -1.61 -11.21 23.83
C LEU A 318 -2.96 -11.18 23.12
N GLY A 319 -3.93 -11.90 23.65
CA GLY A 319 -5.28 -11.88 23.11
C GLY A 319 -5.32 -12.12 21.62
N LEU A 320 -6.17 -11.36 20.93
CA LEU A 320 -6.33 -11.52 19.49
C LEU A 320 -5.56 -10.48 18.68
N GLU A 321 -4.55 -9.88 19.28
CA GLU A 321 -3.80 -8.82 18.64
C GLU A 321 -2.86 -9.25 17.49
N ARG A 322 -2.85 -10.54 17.18
CA ARG A 322 -2.07 -11.06 16.06
C ARG A 322 -2.91 -12.09 15.33
N GLY A 323 -4.22 -12.05 15.58
CA GLY A 323 -5.16 -13.03 15.01
C GLY A 323 -5.55 -14.14 15.98
N VAL A 324 -6.38 -15.06 15.50
CA VAL A 324 -6.75 -16.22 16.27
C VAL A 324 -5.53 -17.12 16.38
N PRO A 325 -5.11 -17.43 17.60
CA PRO A 325 -3.90 -18.26 17.76
C PRO A 325 -4.04 -19.60 17.06
N LEU A 326 -2.91 -20.11 16.56
CA LEU A 326 -2.84 -21.47 16.08
C LEU A 326 -2.85 -22.45 17.26
N SER A 327 -2.14 -22.10 18.32
CA SER A 327 -2.05 -22.94 19.51
C SER A 327 -3.41 -23.44 20.00
N ALA A 328 -3.52 -24.77 20.15
CA ALA A 328 -4.76 -25.39 20.60
C ALA A 328 -5.15 -24.93 22.00
N THR A 329 -4.19 -24.94 22.92
CA THR A 329 -4.47 -24.51 24.28
C THR A 329 -4.85 -23.03 24.32
N ALA A 330 -4.22 -22.22 23.48
CA ALA A 330 -4.57 -20.81 23.37
C ALA A 330 -6.02 -20.63 22.90
N VAL A 331 -6.43 -21.44 21.92
CA VAL A 331 -7.78 -21.37 21.38
C VAL A 331 -8.82 -21.69 22.45
N THR A 332 -8.65 -22.84 23.09
CA THR A 332 -9.53 -23.29 24.16
C THR A 332 -9.63 -22.23 25.24
N GLN A 333 -8.49 -21.60 25.57
CA GLN A 333 -8.46 -20.61 26.63
C GLN A 333 -9.22 -19.35 26.25
N LEU A 334 -8.98 -18.88 25.04
CA LEU A 334 -9.58 -17.62 24.58
C LEU A 334 -11.08 -17.77 24.26
N ARG A 335 -11.52 -18.99 24.02
CA ARG A 335 -12.94 -19.27 23.84
C ARG A 335 -13.67 -19.24 25.17
N ALA A 336 -13.06 -19.87 26.18
CA ALA A 336 -13.62 -19.89 27.53
C ALA A 336 -13.77 -18.51 28.13
N SER A 337 -12.80 -17.63 27.89
CA SER A 337 -12.88 -16.25 28.36
C SER A 337 -13.79 -15.38 27.45
N GLY A 338 -14.24 -15.95 26.35
CA GLY A 338 -15.17 -15.29 25.45
C GLY A 338 -14.53 -14.28 24.52
N VAL A 339 -13.21 -14.35 24.40
CA VAL A 339 -12.46 -13.49 23.49
C VAL A 339 -12.66 -14.02 22.07
N ILE A 340 -12.69 -15.34 21.94
CA ILE A 340 -13.05 -16.00 20.68
C ILE A 340 -14.54 -16.37 20.65
N LYS A 341 -15.28 -15.78 19.72
CA LYS A 341 -16.69 -16.12 19.52
C LYS A 341 -16.90 -16.82 18.17
N ASP A 342 -17.48 -18.02 18.20
CA ASP A 342 -17.77 -18.78 16.98
C ASP A 342 -18.71 -18.09 16.00
N GLU A 343 -19.37 -17.01 16.42
CA GLU A 343 -20.33 -16.34 15.54
C GLU A 343 -19.69 -15.18 14.81
N ASP A 344 -18.43 -14.89 15.13
CA ASP A 344 -17.67 -13.94 14.35
C ASP A 344 -17.40 -14.59 12.99
N PRO A 345 -17.86 -13.92 11.91
CA PRO A 345 -17.64 -14.39 10.53
C PRO A 345 -16.18 -14.77 10.32
N SER A 346 -15.27 -13.95 10.83
CA SER A 346 -13.85 -14.23 10.74
C SER A 346 -13.47 -15.56 11.42
N VAL A 347 -13.98 -15.78 12.62
CA VAL A 347 -13.71 -17.03 13.33
C VAL A 347 -14.39 -18.27 12.71
N ALA A 348 -15.66 -18.15 12.33
CA ALA A 348 -16.38 -19.28 11.74
C ALA A 348 -15.75 -19.71 10.43
N GLY A 349 -15.21 -18.75 9.69
CA GLY A 349 -14.48 -19.02 8.48
C GLY A 349 -13.23 -19.84 8.72
N LEU A 350 -12.46 -19.47 9.72
CA LEU A 350 -11.30 -20.26 10.11
C LEU A 350 -11.75 -21.67 10.47
N ASN A 351 -12.79 -21.77 11.28
CA ASN A 351 -13.32 -23.08 11.66
C ASN A 351 -13.70 -23.95 10.47
N ALA A 353 -12.59 -23.69 7.29
CA ALA A 353 -11.36 -24.01 6.59
C ALA A 353 -10.62 -25.15 7.27
N LEU A 354 -10.55 -25.11 8.59
CA LEU A 354 -9.86 -26.14 9.36
C LEU A 354 -10.56 -27.50 9.23
N GLU A 355 -11.89 -27.48 9.13
CA GLU A 355 -12.69 -28.70 9.05
C GLU A 355 -12.71 -29.33 7.65
N LEU A 356 -12.37 -28.53 6.64
CA LEU A 356 -12.29 -29.01 5.27
C LEU A 356 -11.01 -29.81 5.09
N PRO A 357 -11.02 -30.80 4.20
CA PRO A 357 -9.78 -31.52 3.91
C PRO A 357 -8.80 -30.63 3.13
N HIS A 358 -7.57 -30.53 3.61
CA HIS A 358 -6.54 -29.76 2.94
C HIS A 358 -5.15 -30.35 3.15
N PRO A 359 -4.92 -31.57 2.64
CA PRO A 359 -3.57 -32.14 2.79
C PRO A 359 -2.49 -31.47 1.91
N THR A 361 -0.13 -28.64 1.02
CA THR A 361 0.37 -27.38 1.57
C THR A 361 0.71 -26.38 0.45
N THR A 362 1.24 -25.22 0.83
CA THR A 362 1.57 -24.15 -0.11
C THR A 362 3.01 -23.72 0.14
N SER A 363 3.73 -23.43 -0.93
CA SER A 363 5.12 -23.02 -0.84
C SER A 363 5.22 -21.53 -0.54
N PRO A 364 6.15 -21.15 0.35
CA PRO A 364 6.32 -19.70 0.57
C PRO A 364 6.78 -18.98 -0.71
N TYR A 365 7.47 -19.67 -1.61
CA TYR A 365 7.87 -19.02 -2.84
C TYR A 365 6.65 -18.63 -3.71
N PHE A 366 5.48 -19.20 -3.40
CA PHE A 366 4.29 -18.92 -4.16
C PHE A 366 3.84 -17.47 -3.93
N LEU A 367 4.23 -16.91 -2.79
CA LEU A 367 3.89 -15.53 -2.42
C LEU A 367 4.76 -14.45 -3.10
N ASP A 368 5.67 -14.83 -3.98
CA ASP A 368 6.60 -13.88 -4.58
C ASP A 368 5.85 -12.78 -5.33
N TRP A 369 6.20 -11.53 -5.04
CA TRP A 369 5.46 -10.39 -5.57
C TRP A 369 5.59 -10.31 -7.08
N GLN A 370 6.72 -10.77 -7.60
CA GLN A 370 6.95 -10.83 -9.03
C GLN A 370 6.03 -11.83 -9.73
N ILE A 371 5.75 -12.94 -9.08
CA ILE A 371 4.81 -13.93 -9.62
C ILE A 371 3.40 -13.35 -9.69
N TRP A 372 2.98 -12.71 -8.60
CA TRP A 372 1.65 -12.12 -8.52
C TRP A 372 1.45 -10.99 -9.53
N SER A 373 2.49 -10.15 -9.71
CA SER A 373 2.49 -9.09 -10.74
C SER A 373 2.40 -9.66 -12.13
N LEU A 374 3.16 -10.72 -12.37
CA LEU A 374 3.18 -11.42 -13.64
C LEU A 374 1.79 -11.93 -13.98
N PHE A 375 1.11 -12.44 -12.96
CA PHE A 375 -0.25 -12.95 -13.13
C PHE A 375 -1.25 -11.85 -13.53
N LEU A 376 -1.12 -10.66 -12.95
CA LEU A 376 -1.94 -9.54 -13.40
C LEU A 376 -1.61 -9.21 -14.86
N ASP A 377 -0.33 -9.19 -15.20
CA ASP A 377 0.10 -9.04 -16.60
C ASP A 377 -0.58 -10.08 -17.50
N ALA A 378 -0.58 -11.33 -17.03
CA ALA A 378 -1.08 -12.43 -17.84
C ALA A 378 -2.59 -12.30 -18.07
N ILE A 379 -3.35 -12.08 -17.00
CA ILE A 379 -4.80 -11.94 -17.15
C ILE A 379 -5.18 -10.69 -17.95
N GLN A 380 -4.32 -9.67 -17.94
CA GLN A 380 -4.56 -8.49 -18.76
C GLN A 380 -4.39 -8.81 -20.24
N TYR A 381 -3.34 -9.56 -20.58
CA TYR A 381 -3.18 -10.05 -21.95
C TYR A 381 -4.44 -10.74 -22.46
N ILE A 382 -5.09 -11.51 -21.60
CA ILE A 382 -6.35 -12.16 -21.97
C ILE A 382 -7.53 -11.18 -22.08
N ASP A 383 -7.73 -10.37 -21.05
CA ASP A 383 -8.86 -9.46 -21.00
C ASP A 383 -8.81 -8.39 -22.09
N TYR A 384 -7.61 -8.03 -22.53
CA TYR A 384 -7.44 -6.96 -23.51
C TYR A 384 -7.20 -7.48 -24.92
N GLY A 385 -7.32 -8.79 -25.10
CA GLY A 385 -7.28 -9.39 -26.43
C GLY A 385 -5.91 -9.43 -27.09
N GLN A 386 -4.87 -9.15 -26.31
CA GLN A 386 -3.52 -9.11 -26.85
C GLN A 386 -2.82 -10.46 -26.92
N LYS A 387 -3.30 -11.44 -26.16
CA LYS A 387 -2.79 -12.82 -26.28
C LYS A 387 -3.94 -13.79 -26.11
N THR A 388 -3.88 -14.92 -26.81
CA THR A 388 -4.88 -15.93 -26.59
C THR A 388 -4.62 -16.55 -25.23
N VAL A 389 -5.59 -17.31 -24.73
CA VAL A 389 -5.42 -18.08 -23.51
C VAL A 389 -4.16 -18.95 -23.60
N GLN A 390 -4.00 -19.65 -24.71
CA GLN A 390 -2.87 -20.56 -24.89
C GLN A 390 -1.51 -19.84 -24.94
N GLU A 391 -1.43 -18.72 -25.64
CA GLU A 391 -0.23 -17.88 -25.63
C GLU A 391 0.09 -17.37 -24.22
N THR A 392 -0.96 -17.06 -23.46
CA THR A 392 -0.81 -16.52 -22.11
C THR A 392 -0.29 -17.58 -21.14
N ALA A 393 -0.85 -18.79 -21.23
CA ALA A 393 -0.36 -19.92 -20.45
C ALA A 393 1.13 -20.17 -20.67
N GLU A 394 1.56 -20.15 -21.93
CA GLU A 394 2.96 -20.38 -22.26
C GLU A 394 3.84 -19.23 -21.78
N TYR A 395 3.33 -18.01 -21.91
CA TYR A 395 4.00 -16.83 -21.39
C TYR A 395 4.13 -16.88 -19.88
N PHE A 396 3.06 -17.25 -19.20
CA PHE A 396 3.13 -17.29 -17.75
C PHE A 396 4.07 -18.39 -17.27
N ASN A 397 4.03 -19.55 -17.92
CA ASN A 397 4.86 -20.68 -17.53
C ASN A 397 6.33 -20.32 -17.67
N LYS A 398 6.65 -19.73 -18.81
CA LYS A 398 8.02 -19.34 -19.11
C LYS A 398 8.54 -18.27 -18.14
N GLN A 399 7.81 -17.15 -18.03
CA GLN A 399 8.27 -16.02 -17.23
C GLN A 399 8.21 -16.35 -15.74
N GLY A 400 7.22 -17.16 -15.37
CA GLY A 400 7.13 -17.67 -14.02
C GLY A 400 8.37 -18.45 -13.65
N ASP A 401 8.74 -19.43 -14.49
CA ASP A 401 9.89 -20.27 -14.21
C ASP A 401 11.19 -19.46 -14.08
N ARG A 402 11.32 -18.41 -14.89
CA ARG A 402 12.50 -17.55 -14.83
C ARG A 402 12.60 -16.89 -13.45
N ILE A 403 11.48 -16.34 -12.98
CA ILE A 403 11.41 -15.75 -11.63
C ILE A 403 11.70 -16.76 -10.52
N LEU A 404 10.98 -17.90 -10.52
CA LEU A 404 11.19 -18.95 -9.53
C LEU A 404 12.64 -19.38 -9.45
N LYS A 405 13.24 -19.63 -10.60
CA LYS A 405 14.60 -20.14 -10.67
C LYS A 405 15.59 -19.14 -10.05
N ARG A 406 15.34 -17.86 -10.29
CA ARG A 406 16.19 -16.79 -9.79
C ARG A 406 15.99 -16.63 -8.28
N ALA A 407 14.74 -16.81 -7.83
CA ALA A 407 14.41 -16.63 -6.42
C ALA A 407 14.73 -17.85 -5.56
N ARG A 409 17.32 -19.96 -6.02
CA ARG A 409 18.76 -20.08 -5.84
C ARG A 409 19.26 -18.77 -5.23
N GLY A 410 20.43 -18.79 -4.61
CA GLY A 410 21.00 -17.56 -4.08
C GLY A 410 20.89 -17.38 -2.58
N SER A 411 21.33 -18.37 -1.83
CA SER A 411 21.29 -18.32 -0.37
C SER A 411 22.21 -17.23 0.20
N LEU A 412 21.64 -16.30 0.97
CA LEU A 412 22.43 -15.24 1.62
C LEU A 412 23.60 -15.79 2.44
N GLU B 6 -5.71 6.90 -41.46
CA GLU B 6 -5.08 8.20 -41.76
C GLU B 6 -4.04 8.59 -40.71
N VAL B 7 -4.47 9.05 -39.54
CA VAL B 7 -3.55 9.07 -38.39
C VAL B 7 -4.05 8.24 -37.20
N ASN B 8 -3.31 7.19 -36.86
CA ASN B 8 -3.65 6.33 -35.75
C ASN B 8 -2.76 6.58 -34.58
N LEU B 9 -3.34 7.04 -33.48
CA LEU B 9 -2.57 7.32 -32.28
C LEU B 9 -2.83 6.26 -31.24
N ARG B 10 -1.89 6.10 -30.32
CA ARG B 10 -2.10 5.31 -29.11
C ARG B 10 -1.99 6.21 -27.92
N SER B 12 -2.13 6.05 -23.56
CA SER B 12 -2.23 5.33 -22.31
C SER B 12 -2.57 6.23 -21.11
N TRP B 13 -3.15 5.61 -20.08
CA TRP B 13 -3.35 6.24 -18.78
C TRP B 13 -3.65 5.14 -17.75
N TRP B 14 -3.55 5.47 -16.46
CA TRP B 14 -3.96 4.55 -15.38
C TRP B 14 -5.10 5.15 -14.59
N GLY B 15 -5.84 4.30 -13.89
CA GLY B 15 -6.94 4.75 -13.07
C GLY B 15 -7.99 3.70 -12.83
N GLY B 16 -8.99 4.06 -12.04
CA GLY B 16 -10.15 3.20 -11.84
C GLY B 16 -11.13 3.39 -12.97
N ASN B 17 -12.21 2.64 -12.94
CA ASN B 17 -13.19 2.68 -14.02
C ASN B 17 -13.86 4.05 -14.17
N GLY B 18 -14.00 4.77 -13.05
CA GLY B 18 -14.55 6.12 -13.09
C GLY B 18 -13.78 7.03 -14.06
N ARG B 19 -12.46 6.99 -13.96
CA ARG B 19 -11.61 7.77 -14.84
C ARG B 19 -11.61 7.18 -16.26
N HIS B 20 -11.63 5.86 -16.37
CA HIS B 20 -11.66 5.21 -17.67
C HIS B 20 -12.87 5.66 -18.48
N GLN B 21 -14.05 5.72 -17.85
CA GLN B 21 -15.28 6.08 -18.57
C GLN B 21 -15.28 7.51 -19.11
N VAL B 22 -14.91 8.47 -18.27
CA VAL B 22 -14.83 9.85 -18.73
C VAL B 22 -13.77 9.97 -19.83
N THR B 23 -12.68 9.23 -19.72
CA THR B 23 -11.61 9.37 -20.70
C THR B 23 -12.08 8.80 -22.06
N LEU B 24 -12.69 7.61 -22.02
CA LEU B 24 -13.25 6.98 -23.23
C LEU B 24 -14.29 7.87 -23.91
N LYS B 25 -15.18 8.46 -23.12
CA LYS B 25 -16.16 9.42 -23.62
C LYS B 25 -15.51 10.62 -24.31
N ALA B 26 -14.50 11.21 -23.66
CA ALA B 26 -13.75 12.32 -24.22
C ALA B 26 -13.07 11.92 -25.54
N LEU B 27 -12.53 10.71 -25.57
CA LEU B 27 -11.91 10.20 -26.79
C LEU B 27 -12.91 10.02 -27.94
N GLU B 28 -14.16 9.67 -27.62
CA GLU B 28 -15.24 9.61 -28.61
C GLU B 28 -15.54 10.99 -29.18
N GLU B 29 -15.68 11.97 -28.29
CA GLU B 29 -15.91 13.35 -28.74
C GLU B 29 -14.73 13.85 -29.56
N PHE B 30 -13.50 13.58 -29.12
CA PHE B 30 -12.32 13.97 -29.90
C PHE B 30 -12.35 13.41 -31.33
N HIS B 31 -12.69 12.14 -31.49
CA HIS B 31 -12.79 11.55 -32.83
C HIS B 31 -13.96 12.19 -33.61
N LYS B 32 -15.05 12.50 -32.91
CA LYS B 32 -16.17 13.20 -33.51
C LYS B 32 -15.68 14.46 -34.23
N GLN B 33 -14.80 15.19 -33.56
CA GLN B 33 -14.34 16.44 -34.11
C GLN B 33 -13.19 16.28 -35.08
N HIS B 34 -12.52 15.13 -35.02
CA HIS B 34 -11.39 14.87 -35.91
C HIS B 34 -11.40 13.44 -36.46
N PRO B 35 -12.32 13.15 -37.38
CA PRO B 35 -12.55 11.79 -37.88
C PRO B 35 -11.31 11.18 -38.56
N ASN B 36 -10.40 12.05 -38.98
CA ASN B 36 -9.14 11.62 -39.60
C ASN B 36 -8.14 11.02 -38.59
N ILE B 37 -8.38 11.28 -37.31
CA ILE B 37 -7.50 10.81 -36.25
C ILE B 37 -8.19 9.74 -35.40
N ASN B 38 -7.64 8.53 -35.41
CA ASN B 38 -8.12 7.44 -34.56
C ASN B 38 -7.21 7.30 -33.33
N VAL B 39 -7.79 6.91 -32.21
CA VAL B 39 -7.02 6.79 -30.99
C VAL B 39 -7.26 5.42 -30.37
N LYS B 40 -6.20 4.65 -30.23
CA LYS B 40 -6.29 3.36 -29.57
C LYS B 40 -5.98 3.57 -28.08
N ALA B 41 -6.96 3.29 -27.23
CA ALA B 41 -6.83 3.52 -25.81
C ALA B 41 -6.13 2.33 -25.14
N GLU B 42 -5.13 2.64 -24.33
CA GLU B 42 -4.36 1.60 -23.66
C GLU B 42 -4.35 1.88 -22.15
N TYR B 43 -5.41 1.48 -21.47
CA TYR B 43 -5.63 1.92 -20.10
C TYR B 43 -5.66 0.74 -19.14
N THR B 44 -5.12 0.94 -17.94
CA THR B 44 -5.11 -0.10 -16.90
C THR B 44 -5.33 0.53 -15.54
N GLY B 45 -5.27 -0.30 -14.49
CA GLY B 45 -5.17 0.21 -13.14
C GLY B 45 -3.73 0.67 -12.95
N TRP B 46 -3.47 1.28 -11.80
CA TRP B 46 -2.13 1.66 -11.44
C TRP B 46 -1.17 0.48 -11.49
N ASP B 47 -1.57 -0.67 -10.92
CA ASP B 47 -0.66 -1.80 -10.82
C ASP B 47 -0.10 -2.28 -12.16
N GLY B 48 1.22 -2.46 -12.19
CA GLY B 48 1.91 -2.94 -13.37
C GLY B 48 2.03 -1.95 -14.52
N HIS B 49 1.54 -0.73 -14.33
CA HIS B 49 1.48 0.29 -15.39
C HIS B 49 2.84 0.90 -15.74
N LEU B 50 3.59 1.30 -14.71
CA LEU B 50 4.90 1.91 -14.89
C LEU B 50 5.84 0.89 -15.47
N SER B 51 5.75 -0.33 -14.97
CA SER B 51 6.61 -1.40 -15.44
C SER B 51 6.44 -1.71 -16.95
N ARG B 52 5.20 -1.72 -17.43
CA ARG B 52 4.92 -1.89 -18.87
C ARG B 52 5.47 -0.69 -19.67
N LEU B 53 5.16 0.51 -19.20
CA LEU B 53 5.62 1.72 -19.85
C LEU B 53 7.15 1.80 -19.84
N THR B 54 7.79 1.22 -18.84
CA THR B 54 9.25 1.25 -18.78
C THR B 54 9.81 0.45 -19.94
N THR B 55 9.23 -0.72 -20.17
CA THR B 55 9.67 -1.55 -21.28
C THR B 55 9.39 -0.86 -22.64
N GLN B 56 8.24 -0.20 -22.79
CA GLN B 56 7.92 0.44 -24.06
C GLN B 56 8.78 1.67 -24.35
N ILE B 57 8.94 2.53 -23.34
CA ILE B 57 9.73 3.75 -23.48
C ILE B 57 11.17 3.40 -23.87
N ALA B 58 11.79 2.49 -23.16
CA ALA B 58 13.13 2.01 -23.53
C ALA B 58 13.19 1.36 -24.92
N GLY B 59 12.06 0.85 -25.42
CA GLY B 59 12.04 0.19 -26.71
C GLY B 59 11.68 1.10 -27.87
N GLY B 60 11.24 2.31 -27.55
CA GLY B 60 10.73 3.22 -28.56
C GLY B 60 9.37 2.79 -29.08
N THR B 61 8.63 2.07 -28.24
CA THR B 61 7.31 1.54 -28.61
C THR B 61 6.22 2.03 -27.64
N GLU B 62 6.49 3.13 -26.96
CA GLU B 62 5.53 3.75 -26.05
C GLU B 62 4.43 4.43 -26.86
N PRO B 63 3.26 4.66 -26.25
CA PRO B 63 2.16 5.38 -26.92
C PRO B 63 2.53 6.81 -27.31
N ASP B 64 1.80 7.39 -28.27
CA ASP B 64 2.00 8.76 -28.70
C ASP B 64 1.69 9.75 -27.59
N VAL B 65 0.60 9.52 -26.88
CA VAL B 65 0.22 10.31 -25.72
C VAL B 65 0.13 9.42 -24.48
N GLN B 67 -0.43 9.51 -20.15
CA GLN B 67 -0.57 10.04 -18.81
C GLN B 67 0.67 9.62 -18.06
N THR B 68 1.32 10.58 -17.40
CA THR B 68 2.61 10.32 -16.73
C THR B 68 2.67 10.91 -15.32
N ASN B 69 3.53 10.36 -14.47
CA ASN B 69 3.75 10.94 -13.14
C ASN B 69 4.95 11.87 -13.15
N TRP B 70 4.96 12.83 -12.24
CA TRP B 70 6.03 13.82 -12.14
C TRP B 70 7.37 13.14 -11.83
N ASN B 71 7.35 12.12 -10.98
CA ASN B 71 8.59 11.45 -10.61
C ASN B 71 9.13 10.50 -11.69
N TRP B 72 8.42 10.38 -12.80
CA TRP B 72 8.95 9.65 -13.95
C TRP B 72 10.00 10.44 -14.71
N LEU B 73 10.08 11.75 -14.46
CA LEU B 73 11.05 12.59 -15.17
C LEU B 73 12.49 12.18 -14.89
N PRO B 74 12.85 12.00 -13.61
CA PRO B 74 14.22 11.49 -13.41
C PRO B 74 14.38 10.02 -13.84
N ILE B 75 13.29 9.29 -14.05
CA ILE B 75 13.41 7.90 -14.51
C ILE B 75 13.74 7.83 -15.99
N PHE B 76 12.93 8.48 -16.81
CA PHE B 76 13.08 8.37 -18.25
C PHE B 76 13.74 9.59 -18.89
N SER B 77 13.82 10.69 -18.17
CA SER B 77 14.24 11.93 -18.81
C SER B 77 15.21 12.76 -17.98
N LYS B 78 16.33 12.14 -17.60
CA LYS B 78 17.36 12.83 -16.84
C LYS B 78 17.85 14.06 -17.59
N ASP B 79 18.04 13.91 -18.89
CA ASP B 79 18.55 15.03 -19.69
C ASP B 79 17.46 15.80 -20.44
N GLY B 80 16.19 15.50 -20.15
CA GLY B 80 15.10 16.22 -20.76
C GLY B 80 14.64 15.74 -22.13
N THR B 81 15.31 14.74 -22.69
CA THR B 81 14.95 14.22 -24.02
C THR B 81 14.15 12.91 -23.99
N GLY B 82 13.73 12.47 -22.79
CA GLY B 82 13.03 11.21 -22.64
C GLY B 82 11.59 11.24 -23.08
N PHE B 83 11.05 12.44 -23.18
CA PHE B 83 9.71 12.66 -23.74
C PHE B 83 9.82 13.75 -24.78
N TYR B 84 8.85 13.78 -25.68
CA TYR B 84 8.87 14.73 -26.77
C TYR B 84 8.76 16.13 -26.20
N ASN B 85 9.52 17.06 -26.76
CA ASN B 85 9.53 18.45 -26.27
C ASN B 85 8.25 19.20 -26.64
N LEU B 86 7.39 19.43 -25.65
CA LEU B 86 6.12 20.11 -25.89
C LEU B 86 6.26 21.56 -26.38
N PHE B 87 7.45 22.15 -26.24
CA PHE B 87 7.69 23.45 -26.85
C PHE B 87 7.61 23.41 -28.38
N SER B 88 7.86 22.22 -28.94
CA SER B 88 7.87 21.98 -30.39
C SER B 88 6.49 21.80 -31.01
N VAL B 89 5.45 21.86 -30.18
CA VAL B 89 4.09 21.72 -30.66
C VAL B 89 3.25 22.84 -30.11
N LYS B 90 3.89 23.98 -29.87
CA LYS B 90 3.22 25.15 -29.34
C LYS B 90 1.97 25.55 -30.14
N GLU B 91 1.95 25.22 -31.42
CA GLU B 91 0.88 25.67 -32.31
C GLU B 91 -0.40 24.85 -32.16
N GLN B 92 -0.30 23.65 -31.60
CA GLN B 92 -1.47 22.80 -31.37
C GLN B 92 -1.87 22.82 -29.92
N LEU B 93 -0.92 23.10 -29.06
CA LEU B 93 -1.16 22.99 -27.64
C LEU B 93 -1.16 24.38 -27.03
N ASP B 94 -2.31 24.79 -26.47
CA ASP B 94 -2.49 26.17 -26.02
C ASP B 94 -1.74 26.39 -24.70
N LEU B 95 -0.42 26.55 -24.82
CA LEU B 95 0.47 26.65 -23.66
C LEU B 95 0.09 27.81 -22.75
N ALA B 96 -0.59 28.82 -23.29
CA ALA B 96 -1.01 29.97 -22.49
C ALA B 96 -2.05 29.61 -21.40
N GLN B 97 -2.71 28.47 -21.54
CA GLN B 97 -3.65 28.05 -20.50
C GLN B 97 -2.97 27.65 -19.19
N PHE B 98 -1.65 27.51 -19.22
CA PHE B 98 -0.94 26.98 -18.09
C PHE B 98 0.09 27.97 -17.58
N ASP B 99 -0.07 28.34 -16.31
CA ASP B 99 0.83 29.27 -15.66
C ASP B 99 2.25 28.78 -15.87
N PRO B 100 3.10 29.63 -16.46
CA PRO B 100 4.48 29.26 -16.76
C PRO B 100 5.26 28.82 -15.52
N LYS B 101 4.87 29.37 -14.37
CA LYS B 101 5.48 29.01 -13.12
C LYS B 101 5.30 27.51 -12.87
N GLU B 102 4.15 26.97 -13.29
CA GLU B 102 3.84 25.55 -13.08
C GLU B 102 4.45 24.67 -14.16
N LEU B 103 4.79 25.28 -15.28
CA LEU B 103 5.43 24.56 -16.35
C LEU B 103 6.91 24.37 -16.05
N GLN B 104 7.40 25.15 -15.09
CA GLN B 104 8.81 25.12 -14.71
C GLN B 104 9.18 23.77 -14.16
N GLN B 105 8.27 23.16 -13.40
CA GLN B 105 8.59 21.87 -12.78
C GLN B 105 8.58 20.72 -13.78
N THR B 106 7.89 20.89 -14.91
CA THR B 106 7.84 19.83 -15.90
C THR B 106 8.78 20.10 -17.08
N THR B 107 9.56 21.17 -16.95
CA THR B 107 10.56 21.51 -17.93
C THR B 107 11.90 20.99 -17.44
N VAL B 108 12.55 20.13 -18.24
CA VAL B 108 13.84 19.56 -17.85
C VAL B 108 14.90 19.95 -18.85
N ASN B 109 15.97 20.56 -18.35
CA ASN B 109 17.07 20.96 -19.22
C ASN B 109 16.53 21.83 -20.34
N GLY B 110 15.54 22.66 -20.00
CA GLY B 110 14.94 23.56 -20.97
C GLY B 110 13.92 22.96 -21.92
N LYS B 111 13.61 21.67 -21.76
CA LYS B 111 12.63 21.02 -22.61
C LYS B 111 11.37 20.62 -21.82
N LEU B 112 10.23 21.00 -22.36
CA LEU B 112 8.95 20.78 -21.69
C LEU B 112 8.51 19.34 -21.89
N ASN B 113 8.59 18.56 -20.80
CA ASN B 113 8.36 17.12 -20.85
C ASN B 113 6.92 16.68 -20.56
N GLY B 114 6.15 17.54 -19.91
CA GLY B 114 4.75 17.25 -19.66
C GLY B 114 3.92 18.47 -19.34
N ILE B 115 2.61 18.33 -19.42
CA ILE B 115 1.71 19.34 -18.90
C ILE B 115 1.02 18.79 -17.66
N PRO B 116 1.17 19.46 -16.51
CA PRO B 116 0.42 19.04 -15.32
C PRO B 116 -1.06 19.19 -15.59
N ILE B 117 -1.79 18.11 -15.37
CA ILE B 117 -3.24 18.10 -15.49
C ILE B 117 -3.86 18.89 -14.34
N SER B 118 -3.33 18.64 -13.14
CA SER B 118 -3.70 19.37 -11.95
C SER B 118 -2.48 19.45 -11.04
N VAL B 119 -2.44 20.45 -10.17
CA VAL B 119 -1.39 20.56 -9.16
C VAL B 119 -2.00 20.40 -7.76
N THR B 120 -1.22 19.87 -6.83
CA THR B 120 -1.69 19.69 -5.47
C THR B 120 -0.51 20.04 -4.56
N ALA B 121 -0.82 20.39 -3.31
CA ALA B 121 0.22 20.79 -2.37
C ALA B 121 -0.05 20.24 -0.98
N ILE B 123 -0.63 20.60 2.70
CA ILE B 123 -1.07 21.64 3.62
C ILE B 123 -1.80 21.05 4.85
N PHE B 124 -2.20 21.93 5.77
CA PHE B 124 -2.83 21.53 7.03
C PHE B 124 -4.36 21.46 6.99
N TYR B 125 -4.88 20.36 7.49
CA TYR B 125 -6.30 20.19 7.74
C TYR B 125 -6.48 19.71 9.18
N PHE B 126 -7.53 20.20 9.84
CA PHE B 126 -7.68 19.98 11.28
C PHE B 126 -9.02 19.40 11.70
N ASN B 127 -9.01 18.50 12.67
CA ASN B 127 -10.22 17.94 13.24
C ASN B 127 -10.94 19.00 14.08
N ASP B 128 -12.01 19.59 13.53
CA ASP B 128 -12.65 20.73 14.19
C ASP B 128 -13.21 20.44 15.59
N ALA B 129 -13.68 19.22 15.81
CA ALA B 129 -14.21 18.85 17.13
C ALA B 129 -13.13 18.92 18.19
N THR B 130 -12.03 18.21 17.95
CA THR B 130 -10.96 18.13 18.93
C THR B 130 -10.40 19.52 19.22
N TRP B 131 -10.23 20.32 18.18
CA TRP B 131 -9.64 21.64 18.35
C TRP B 131 -10.53 22.53 19.18
N ALA B 132 -11.84 22.45 18.92
CA ALA B 132 -12.83 23.15 19.73
C ALA B 132 -12.81 22.67 21.18
N LYS B 133 -12.69 21.35 21.35
CA LYS B 133 -12.56 20.70 22.64
C LYS B 133 -11.36 21.29 23.41
N ALA B 134 -10.27 21.56 22.69
CA ALA B 134 -9.06 22.09 23.29
C ALA B 134 -9.12 23.60 23.41
N GLY B 135 -10.19 24.18 22.85
CA GLY B 135 -10.40 25.61 22.89
C GLY B 135 -9.32 26.43 22.18
N LEU B 136 -8.90 25.96 21.01
CA LEU B 136 -7.83 26.60 20.25
C LEU B 136 -8.23 26.90 18.81
N GLU B 137 -7.85 28.08 18.35
CA GLU B 137 -7.88 28.38 16.93
C GLU B 137 -6.76 27.56 16.27
N TYR B 138 -6.82 27.40 14.95
CA TYR B 138 -5.75 26.72 14.23
C TYR B 138 -4.53 27.62 14.10
N PRO B 139 -3.32 27.03 14.15
CA PRO B 139 -2.11 27.86 14.24
C PRO B 139 -1.95 28.74 13.02
N LYS B 140 -1.60 30.01 13.24
CA LYS B 140 -1.29 30.89 12.13
C LYS B 140 0.22 30.96 11.99
N THR B 141 0.93 30.42 12.98
CA THR B 141 2.39 30.48 13.02
C THR B 141 2.95 29.16 13.54
N TRP B 142 4.23 28.91 13.25
CA TRP B 142 4.96 27.78 13.82
C TRP B 142 4.92 27.74 15.35
N ASP B 143 5.15 28.88 15.99
CA ASP B 143 5.12 28.99 17.45
C ASP B 143 3.77 28.54 18.04
N GLU B 144 2.67 28.88 17.37
CA GLU B 144 1.35 28.45 17.80
C GLU B 144 1.13 26.94 17.57
N LEU B 145 1.76 26.39 16.54
CA LEU B 145 1.63 24.95 16.33
C LEU B 145 2.33 24.26 17.48
N LEU B 146 3.52 24.73 17.81
CA LEU B 146 4.29 24.20 18.93
C LEU B 146 3.47 24.30 20.21
N ALA B 147 2.99 25.51 20.49
CA ALA B 147 2.22 25.77 21.71
C ALA B 147 0.97 24.90 21.83
N ALA B 148 0.43 24.49 20.68
CA ALA B 148 -0.81 23.71 20.65
C ALA B 148 -0.62 22.32 21.25
N GLY B 149 0.61 21.82 21.17
CA GLY B 149 0.92 20.51 21.70
C GLY B 149 0.88 20.47 23.22
N LYS B 150 1.28 21.57 23.86
CA LYS B 150 1.24 21.68 25.31
C LYS B 150 -0.20 21.64 25.78
N VAL B 151 -1.01 22.52 25.21
CA VAL B 151 -2.43 22.60 25.55
C VAL B 151 -3.14 21.28 25.28
N PHE B 152 -2.83 20.66 24.14
CA PHE B 152 -3.41 19.36 23.81
C PHE B 152 -3.00 18.33 24.86
N LYS B 153 -1.75 18.41 25.28
CA LYS B 153 -1.20 17.47 26.23
C LYS B 153 -1.90 17.59 27.59
N GLU B 154 -1.88 18.78 28.18
CA GLU B 154 -2.41 18.94 29.53
C GLU B 154 -3.92 19.20 29.64
N LYS B 155 -4.55 19.67 28.56
CA LYS B 155 -5.98 19.99 28.60
C LYS B 155 -6.86 18.84 28.12
N LEU B 156 -6.39 18.08 27.14
CA LEU B 156 -7.16 16.94 26.62
C LEU B 156 -6.61 15.59 27.10
N GLY B 157 -5.29 15.46 27.12
CA GLY B 157 -4.66 14.23 27.58
C GLY B 157 -3.45 13.83 26.76
N ASP B 158 -2.60 13.02 27.37
CA ASP B 158 -1.35 12.56 26.74
C ASP B 158 -1.56 11.78 25.43
N GLN B 159 -2.79 11.34 25.17
CA GLN B 159 -3.09 10.59 23.96
C GLN B 159 -3.50 11.51 22.79
N TYR B 160 -3.59 12.81 23.08
CA TYR B 160 -4.10 13.79 22.12
C TYR B 160 -3.00 14.63 21.46
N TYR B 161 -3.04 14.69 20.13
CA TYR B 161 -2.03 15.43 19.36
C TYR B 161 -2.66 16.40 18.35
N PRO B 162 -2.06 17.58 18.19
CA PRO B 162 -2.49 18.56 17.18
C PRO B 162 -2.63 17.92 15.82
N VAL B 163 -1.61 17.14 15.43
CA VAL B 163 -1.64 16.37 14.19
C VAL B 163 -0.91 15.04 14.36
N VAL B 164 -1.10 14.14 13.40
CA VAL B 164 -0.26 12.96 13.22
C VAL B 164 0.52 13.15 11.91
N LEU B 165 1.76 12.68 11.85
CA LEU B 165 2.57 12.86 10.65
C LEU B 165 3.28 11.59 10.20
N CYS B 166 3.19 11.31 8.91
CA CYS B 166 4.09 10.34 8.26
C CYS B 166 5.49 10.94 8.27
N ALA B 167 6.53 10.12 8.21
CA ALA B 167 7.88 10.65 8.27
C ALA B 167 8.18 11.53 7.06
N GLY B 168 7.63 11.18 5.91
CA GLY B 168 7.84 11.96 4.71
C GLY B 168 7.14 13.30 4.82
N GLN B 169 5.94 13.27 5.38
CA GLN B 169 5.17 14.50 5.60
C GLN B 169 5.93 15.45 6.53
N THR B 170 6.57 14.88 7.53
CA THR B 170 7.41 15.63 8.46
C THR B 170 8.62 16.25 7.74
N LEU B 171 9.22 15.47 6.85
CA LEU B 171 10.34 15.91 6.02
C LEU B 171 9.97 17.11 5.17
N VAL B 172 8.84 17.00 4.48
CA VAL B 172 8.33 18.10 3.66
C VAL B 172 8.00 19.31 4.55
N LEU B 173 7.44 19.03 5.72
CA LEU B 173 6.99 20.07 6.63
C LEU B 173 8.17 20.89 7.17
N ILE B 174 9.20 20.21 7.63
CA ILE B 174 10.33 20.94 8.15
C ILE B 174 11.03 21.68 7.01
N ARG B 175 11.00 21.11 5.82
CA ARG B 175 11.54 21.75 4.62
C ARG B 175 10.83 23.08 4.34
N SER B 176 9.53 23.10 4.50
CA SER B 176 8.75 24.31 4.40
C SER B 176 9.31 25.38 5.38
N TYR B 177 9.53 24.99 6.62
CA TYR B 177 10.09 25.88 7.64
C TYR B 177 11.45 26.43 7.22
N THR B 179 12.71 26.68 4.28
CA THR B 179 12.55 27.58 3.15
C THR B 179 12.05 28.96 3.57
N GLN B 180 11.03 29.01 4.43
CA GLN B 180 10.55 30.27 4.95
C GLN B 180 11.68 31.05 5.63
N LYS B 181 12.58 30.32 6.28
CA LYS B 181 13.64 30.91 7.10
C LYS B 181 14.84 31.44 6.29
N TYR B 182 15.36 30.64 5.35
CA TYR B 182 16.60 30.97 4.67
C TYR B 182 16.54 31.13 3.16
N ASN B 183 15.38 30.83 2.57
CA ASN B 183 15.20 30.97 1.11
C ASN B 183 16.25 30.27 0.28
N ILE B 184 16.57 29.03 0.61
CA ILE B 184 17.47 28.25 -0.22
C ILE B 184 16.84 26.90 -0.54
N PRO B 185 17.25 26.27 -1.66
CA PRO B 185 16.65 24.98 -1.97
C PRO B 185 17.28 23.87 -1.13
N THR B 186 16.57 22.76 -1.01
CA THR B 186 17.06 21.61 -0.27
C THR B 186 18.15 20.94 -1.08
N ILE B 187 17.93 20.86 -2.39
CA ILE B 187 18.86 20.18 -3.25
C ILE B 187 19.62 21.15 -4.13
N ASP B 188 20.94 21.08 -4.06
CA ASP B 188 21.81 21.82 -4.96
C ASP B 188 21.85 21.07 -6.29
N GLU B 189 21.08 21.56 -7.27
CA GLU B 189 21.06 20.98 -8.62
C GLU B 189 22.45 20.91 -9.30
N ALA B 190 23.13 22.06 -9.38
CA ALA B 190 24.45 22.14 -10.01
C ALA B 190 25.51 21.22 -9.40
N ASN B 191 25.51 21.08 -8.08
CA ASN B 191 26.49 20.26 -7.39
C ASN B 191 26.04 18.82 -7.08
N LYS B 192 24.78 18.51 -7.38
CA LYS B 192 24.20 17.17 -7.17
C LYS B 192 24.36 16.67 -5.73
N LYS B 193 23.79 17.42 -4.79
CA LYS B 193 23.89 17.16 -3.36
C LYS B 193 22.90 18.07 -2.61
N PHE B 194 22.67 17.80 -1.33
CA PHE B 194 21.87 18.71 -0.52
C PHE B 194 22.57 20.05 -0.36
N ALA B 195 21.79 21.12 -0.28
CA ALA B 195 22.36 22.45 -0.20
C ALA B 195 22.44 23.05 1.21
N TYR B 196 21.94 22.34 2.22
CA TYR B 196 22.02 22.89 3.58
C TYR B 196 23.43 22.77 4.16
N SER B 197 23.86 23.76 4.92
CA SER B 197 25.10 23.67 5.68
C SER B 197 24.92 22.66 6.80
N PRO B 198 26.03 22.15 7.35
CA PRO B 198 25.94 21.22 8.49
C PRO B 198 25.09 21.79 9.63
N GLU B 199 25.32 23.07 9.93
CA GLU B 199 24.56 23.79 10.96
C GLU B 199 23.04 23.74 10.68
N GLN B 200 22.66 24.00 9.43
CA GLN B 200 21.25 23.99 9.04
C GLN B 200 20.63 22.60 9.16
N TRP B 201 21.37 21.56 8.78
CA TRP B 201 20.90 20.20 9.02
C TRP B 201 20.70 19.92 10.51
N VAL B 202 21.61 20.40 11.34
CA VAL B 202 21.45 20.32 12.80
C VAL B 202 20.14 21.00 13.19
N GLU B 203 19.88 22.17 12.60
CA GLU B 203 18.67 22.92 12.89
C GLU B 203 17.39 22.20 12.40
N PHE B 204 17.50 21.56 11.24
CA PHE B 204 16.40 20.81 10.64
C PHE B 204 15.92 19.74 11.62
N PHE B 205 16.86 18.98 12.18
CA PHE B 205 16.52 17.89 13.09
C PHE B 205 16.32 18.38 14.52
N THR B 206 16.92 19.51 14.86
CA THR B 206 16.59 20.18 16.10
C THR B 206 15.10 20.56 16.09
N TYR B 208 12.76 18.97 14.39
CA TYR B 208 12.05 17.72 14.63
C TYR B 208 11.92 17.41 16.13
N LYS B 209 13.05 17.39 16.83
CA LYS B 209 13.09 17.05 18.25
C LYS B 209 12.21 17.99 19.07
N THR B 210 12.28 19.28 18.77
CA THR B 210 11.44 20.27 19.43
C THR B 210 9.96 19.94 19.27
N VAL B 212 8.45 17.11 18.49
CA VAL B 212 8.10 15.89 19.23
C VAL B 212 8.02 16.13 20.75
N ASP B 213 9.00 16.87 21.29
CA ASP B 213 9.03 17.15 22.72
C ASP B 213 7.88 18.07 23.16
N ASN B 214 7.36 18.87 22.23
CA ASN B 214 6.23 19.74 22.51
C ASN B 214 4.91 19.07 22.21
N HIS B 215 4.95 17.75 21.99
CA HIS B 215 3.72 16.97 21.81
C HIS B 215 2.91 17.43 20.59
N VAL B 216 3.58 17.89 19.55
CA VAL B 216 2.91 18.35 18.33
C VAL B 216 2.35 17.18 17.53
N PRO B 218 2.80 12.51 17.33
CA PRO B 218 3.47 11.38 17.99
C PRO B 218 4.88 11.13 17.44
N SER B 219 5.77 10.66 18.32
CA SER B 219 7.10 10.23 17.92
C SER B 219 6.97 8.90 17.20
N THR B 220 8.09 8.42 16.62
CA THR B 220 8.06 7.21 15.82
C THR B 220 7.93 5.96 16.67
N LYS B 221 7.87 6.14 17.99
CA LYS B 221 7.55 5.03 18.87
C LYS B 221 6.05 4.73 18.78
N TYR B 222 5.27 5.74 18.42
CA TYR B 222 3.81 5.61 18.43
C TYR B 222 3.21 5.44 17.06
N TYR B 223 3.78 6.15 16.10
CA TYR B 223 3.37 6.03 14.71
C TYR B 223 4.60 6.25 13.86
N ALA B 224 4.86 5.32 12.95
CA ALA B 224 6.11 5.37 12.20
C ALA B 224 5.91 4.83 10.79
N SER B 225 5.60 5.73 9.87
CA SER B 225 5.33 5.36 8.47
C SER B 225 5.96 6.34 7.49
N ILE B 226 6.67 5.81 6.50
CA ILE B 226 7.36 6.65 5.52
C ILE B 226 6.41 7.52 4.68
N VAL B 227 5.53 6.89 3.93
CA VAL B 227 4.63 7.64 3.05
C VAL B 227 3.17 7.17 3.14
N LYS B 228 2.96 5.87 3.28
CA LYS B 228 1.61 5.31 3.43
C LYS B 228 0.80 5.99 4.55
N SER B 229 -0.25 6.72 4.18
CA SER B 229 -1.02 7.51 5.14
C SER B 229 -1.94 6.64 5.99
N SER B 230 -1.39 5.59 6.58
CA SER B 230 -2.19 4.55 7.22
C SER B 230 -3.00 5.06 8.42
N TYR B 231 -2.63 6.23 8.91
CA TYR B 231 -3.28 6.79 10.11
C TYR B 231 -4.80 6.88 10.08
N TYR B 232 -5.38 6.99 8.88
CA TYR B 232 -6.81 7.26 8.79
C TYR B 232 -7.73 6.09 9.16
N GLU B 233 -7.23 4.87 9.02
CA GLU B 233 -7.99 3.69 9.47
C GLU B 233 -7.76 3.34 10.95
N LYS B 235 -7.79 3.99 15.17
CA LYS B 235 -8.67 4.53 16.21
C LYS B 235 -8.28 5.89 16.75
N PRO B 236 -6.98 6.15 16.97
CA PRO B 236 -6.66 7.51 17.47
C PRO B 236 -7.04 8.60 16.46
N TRP B 237 -7.04 8.26 15.17
CA TRP B 237 -7.52 9.18 14.14
C TRP B 237 -9.04 9.28 14.15
N ILE B 238 -9.71 8.13 14.05
CA ILE B 238 -11.16 8.07 14.06
C ILE B 238 -11.76 8.73 15.30
N ASN B 239 -11.20 8.44 16.47
CA ASN B 239 -11.70 9.03 17.72
C ASN B 239 -11.32 10.49 17.93
N GLY B 240 -10.52 11.03 17.02
CA GLY B 240 -10.13 12.43 17.09
C GLY B 240 -8.98 12.75 18.04
N GLU B 241 -8.20 11.74 18.40
CA GLU B 241 -7.01 11.96 19.23
C GLU B 241 -5.84 12.52 18.39
N TRP B 242 -5.66 11.98 17.20
CA TRP B 242 -4.71 12.56 16.23
C TRP B 242 -5.51 13.56 15.41
N ALA B 243 -5.42 14.84 15.80
CA ALA B 243 -6.44 15.82 15.47
C ALA B 243 -6.15 16.65 14.24
N GLY B 244 -5.33 16.11 13.35
CA GLY B 244 -4.99 16.82 12.14
C GLY B 244 -3.95 16.11 11.30
N THR B 245 -3.71 16.66 10.12
CA THR B 245 -2.82 16.05 9.16
C THR B 245 -2.18 17.10 8.29
N TYR B 246 -0.97 16.80 7.82
CA TYR B 246 -0.27 17.61 6.82
C TYR B 246 -0.13 16.74 5.57
N TRP B 248 -1.51 16.12 1.03
CA TRP B 248 -2.02 16.64 -0.23
C TRP B 248 -3.46 17.04 -0.11
N ASN B 249 -3.76 18.29 -0.49
CA ASN B 249 -5.12 18.80 -0.47
C ASN B 249 -6.05 18.01 -1.40
N SER B 250 -5.49 17.37 -2.42
CA SER B 250 -6.33 16.70 -3.42
C SER B 250 -7.00 15.41 -2.91
N THR B 251 -6.41 14.77 -1.92
CA THR B 251 -6.95 13.50 -1.43
C THR B 251 -7.63 13.58 -0.05
N ILE B 252 -7.98 14.79 0.38
CA ILE B 252 -8.42 15.02 1.76
C ILE B 252 -9.74 14.33 2.18
N THR B 253 -10.66 14.19 1.22
CA THR B 253 -12.04 13.78 1.51
C THR B 253 -12.23 12.44 2.25
N LYS B 254 -11.48 11.42 1.84
CA LYS B 254 -11.55 10.10 2.42
C LYS B 254 -11.03 10.07 3.87
N TYR B 255 -10.13 10.99 4.17
CA TYR B 255 -9.56 11.08 5.50
C TYR B 255 -10.57 11.73 6.46
N SER B 256 -11.32 12.69 5.94
CA SER B 256 -12.31 13.38 6.77
C SER B 256 -13.53 12.49 7.02
N ASP B 257 -13.86 11.67 6.03
CA ASP B 257 -15.02 10.79 6.09
C ASP B 257 -14.94 9.78 7.24
N ASN B 258 -13.72 9.40 7.59
CA ASN B 258 -13.48 8.41 8.64
C ASN B 258 -13.54 8.97 10.06
N LEU B 259 -13.63 10.28 10.20
CA LEU B 259 -13.79 10.86 11.51
C LEU B 259 -15.15 10.50 12.08
N THR B 260 -15.24 10.39 13.40
CA THR B 260 -16.51 10.21 14.09
C THR B 260 -17.35 11.46 13.93
N LYS B 261 -18.41 11.38 13.14
CA LYS B 261 -19.30 12.52 12.96
C LYS B 261 -19.84 12.96 14.31
N PRO B 262 -20.02 14.28 14.52
CA PRO B 262 -19.99 15.34 13.50
C PRO B 262 -18.60 15.89 13.14
N ALA B 263 -17.53 15.31 13.66
CA ALA B 263 -16.18 15.78 13.35
C ALA B 263 -15.83 15.68 11.87
N LYS B 264 -15.14 16.69 11.35
CA LYS B 264 -14.67 16.68 9.97
C LYS B 264 -13.31 17.42 9.90
N LEU B 265 -12.55 17.20 8.82
CA LEU B 265 -11.36 18.00 8.60
C LEU B 265 -11.78 19.38 8.09
N VAL B 266 -11.11 20.41 8.58
CA VAL B 266 -11.25 21.74 8.01
C VAL B 266 -9.88 22.31 7.69
N LEU B 267 -9.84 23.10 6.62
CA LEU B 267 -8.61 23.72 6.18
C LEU B 267 -8.05 24.67 7.22
N GLY B 268 -6.78 24.46 7.60
CA GLY B 268 -6.10 25.37 8.49
C GLY B 268 -5.31 26.43 7.73
N PRO B 269 -4.83 27.45 8.45
CA PRO B 269 -3.87 28.43 7.93
C PRO B 269 -2.59 27.71 7.57
N TYR B 270 -1.75 28.33 6.75
CA TYR B 270 -0.41 27.80 6.57
C TYR B 270 0.53 28.56 7.47
N PRO B 271 1.19 27.86 8.40
CA PRO B 271 2.04 28.52 9.39
C PRO B 271 3.12 29.33 8.69
N LEU B 273 6.45 32.20 9.09
CA LEU B 273 7.41 32.96 9.86
C LEU B 273 7.09 34.41 9.62
N PRO B 274 7.33 35.25 10.64
CA PRO B 274 7.18 36.70 10.50
C PRO B 274 7.92 37.20 9.27
N GLY B 275 7.19 37.82 8.36
CA GLY B 275 7.75 38.32 7.13
C GLY B 275 8.55 37.32 6.30
N ALA B 276 8.03 36.11 6.15
CA ALA B 276 8.63 35.19 5.20
C ALA B 276 8.19 35.62 3.80
N LYS B 277 9.02 35.36 2.79
CA LYS B 277 8.66 35.74 1.43
C LYS B 277 8.47 34.52 0.53
N ASP B 278 8.46 33.34 1.15
CA ASP B 278 8.18 32.11 0.45
C ASP B 278 7.59 31.15 1.48
N ALA B 279 6.48 30.50 1.14
CA ALA B 279 5.80 29.61 2.09
C ALA B 279 6.49 28.26 2.20
N GLY B 280 7.26 27.91 1.17
CA GLY B 280 8.00 26.66 1.20
C GLY B 280 7.12 25.47 0.87
N LEU B 281 6.17 25.69 -0.04
CA LEU B 281 5.16 24.70 -0.35
C LEU B 281 5.74 23.62 -1.23
N PHE B 282 5.37 22.37 -0.93
CA PHE B 282 5.65 21.30 -1.85
C PHE B 282 4.41 21.19 -2.74
N PHE B 283 4.54 21.81 -3.91
CA PHE B 283 3.50 21.87 -4.92
C PHE B 283 3.94 20.98 -6.07
N LEU B 284 3.12 20.04 -6.48
CA LEU B 284 3.55 19.14 -7.53
C LEU B 284 2.43 18.81 -8.53
N PRO B 285 2.80 18.44 -9.76
CA PRO B 285 1.74 17.90 -10.62
C PRO B 285 1.27 16.55 -10.09
N ALA B 286 -0.03 16.42 -9.84
CA ALA B 286 -0.57 15.13 -9.43
C ALA B 286 -0.40 14.14 -10.58
N GLN B 287 -0.57 14.63 -11.80
CA GLN B 287 -0.17 13.88 -12.99
C GLN B 287 0.00 14.80 -14.20
N LEU B 289 0.26 15.02 -18.82
CA LEU B 289 0.17 14.42 -20.14
C LEU B 289 1.49 14.69 -20.85
N SER B 290 2.07 13.64 -21.41
CA SER B 290 3.31 13.77 -22.17
C SER B 290 3.13 13.13 -23.52
N ILE B 291 4.02 13.47 -24.43
CA ILE B 291 4.02 12.91 -25.77
C ILE B 291 5.24 11.99 -25.87
N GLY B 292 5.05 10.84 -26.50
CA GLY B 292 6.14 9.89 -26.67
C GLY B 292 7.25 10.48 -27.51
N LYS B 293 8.47 10.41 -26.99
CA LYS B 293 9.66 10.85 -27.71
C LYS B 293 9.72 10.31 -29.13
N SER B 294 9.29 9.06 -29.29
CA SER B 294 9.38 8.38 -30.58
C SER B 294 8.11 8.53 -31.43
N THR B 295 7.23 9.44 -31.05
CA THR B 295 5.99 9.55 -31.80
C THR B 295 6.25 9.92 -33.26
N LYS B 296 5.52 9.29 -34.18
CA LYS B 296 5.59 9.65 -35.58
C LYS B 296 4.51 10.68 -35.92
N HIS B 297 3.82 11.17 -34.89
CA HIS B 297 2.76 12.14 -35.09
C HIS B 297 2.65 13.15 -33.95
N PRO B 298 3.69 14.01 -33.80
CA PRO B 298 3.66 14.95 -32.66
C PRO B 298 2.47 15.93 -32.72
N GLN B 299 2.12 16.39 -33.91
CA GLN B 299 1.05 17.39 -34.08
C GLN B 299 -0.28 16.85 -33.58
N GLU B 300 -0.69 15.69 -34.11
CA GLU B 300 -1.95 15.07 -33.75
C GLU B 300 -1.96 14.66 -32.26
N SER B 301 -0.80 14.24 -31.76
CA SER B 301 -0.64 13.96 -30.34
C SER B 301 -0.91 15.21 -29.53
N ALA B 302 -0.35 16.35 -29.97
CA ALA B 302 -0.56 17.60 -29.24
C ALA B 302 -2.03 18.07 -29.32
N LEU B 304 -4.55 16.14 -29.48
CA LEU B 304 -5.26 15.30 -28.53
C LEU B 304 -5.12 15.82 -27.10
N ILE B 305 -3.89 16.10 -26.66
CA ILE B 305 -3.64 16.69 -25.35
C ILE B 305 -4.39 18.01 -25.16
N ASN B 306 -4.34 18.88 -26.16
CA ASN B 306 -5.06 20.15 -26.07
C ASN B 306 -6.55 19.93 -25.93
N PHE B 307 -7.06 18.92 -26.61
CA PHE B 307 -8.48 18.67 -26.56
C PHE B 307 -8.86 18.25 -25.14
N LEU B 308 -8.08 17.36 -24.55
CA LEU B 308 -8.36 16.81 -23.23
C LEU B 308 -8.30 17.84 -22.09
N LEU B 309 -7.45 18.85 -22.23
CA LEU B 309 -7.22 19.81 -21.13
C LEU B 309 -7.87 21.18 -21.34
N ASN B 310 -8.12 21.55 -22.60
CA ASN B 310 -8.58 22.91 -22.93
C ASN B 310 -9.92 23.05 -23.65
N SER B 311 -10.33 22.05 -24.43
CA SER B 311 -11.53 22.20 -25.25
C SER B 311 -12.77 22.07 -24.39
N LYS B 312 -13.87 22.72 -24.79
CA LYS B 312 -15.10 22.70 -24.01
C LYS B 312 -15.51 21.27 -23.66
N GLU B 313 -15.68 20.43 -24.69
CA GLU B 313 -16.24 19.10 -24.51
C GLU B 313 -15.26 18.11 -23.89
N GLY B 314 -13.97 18.30 -24.15
CA GLY B 314 -12.95 17.54 -23.46
C GLY B 314 -12.95 17.82 -21.97
N VAL B 315 -13.07 19.09 -21.60
CA VAL B 315 -13.01 19.44 -20.19
C VAL B 315 -14.26 18.95 -19.46
N GLU B 316 -15.41 19.08 -20.13
CA GLU B 316 -16.69 18.66 -19.55
C GLU B 316 -16.70 17.17 -19.30
N ALA B 317 -16.23 16.41 -20.28
CA ALA B 317 -16.23 14.96 -20.13
C ALA B 317 -15.31 14.55 -18.98
N LEU B 318 -14.14 15.14 -18.89
CA LEU B 318 -13.13 14.72 -17.90
C LEU B 318 -13.46 15.16 -16.47
N GLY B 319 -14.14 16.29 -16.34
CA GLY B 319 -14.53 16.83 -15.05
C GLY B 319 -13.37 16.90 -14.07
N LEU B 320 -13.59 16.35 -12.87
CA LEU B 320 -12.58 16.32 -11.81
C LEU B 320 -11.93 14.95 -11.59
N GLU B 321 -12.00 14.05 -12.56
CA GLU B 321 -11.44 12.69 -12.41
C GLU B 321 -9.91 12.63 -12.33
N ARG B 322 -9.24 13.75 -12.61
CA ARG B 322 -7.80 13.83 -12.37
C ARG B 322 -7.47 15.04 -11.50
N GLY B 323 -8.44 15.47 -10.69
CA GLY B 323 -8.27 16.64 -9.84
C GLY B 323 -8.74 17.92 -10.51
N VAL B 324 -8.55 19.04 -9.81
CA VAL B 324 -8.90 20.36 -10.32
C VAL B 324 -7.92 20.76 -11.42
N PRO B 325 -8.44 21.01 -12.63
CA PRO B 325 -7.53 21.34 -13.73
C PRO B 325 -6.62 22.54 -13.45
N LEU B 326 -5.38 22.47 -13.94
CA LEU B 326 -4.49 23.62 -13.90
C LEU B 326 -4.83 24.61 -15.03
N SER B 327 -5.37 24.07 -16.13
CA SER B 327 -5.85 24.89 -17.25
C SER B 327 -6.79 26.05 -16.85
N ALA B 328 -6.36 27.26 -17.15
CA ALA B 328 -7.17 28.46 -16.93
C ALA B 328 -8.59 28.37 -17.54
N THR B 329 -8.69 27.97 -18.80
CA THR B 329 -10.01 27.82 -19.43
C THR B 329 -10.81 26.68 -18.79
N ALA B 330 -10.12 25.61 -18.40
CA ALA B 330 -10.84 24.50 -17.79
C ALA B 330 -11.41 24.92 -16.44
N VAL B 331 -10.63 25.63 -15.64
CA VAL B 331 -11.08 26.11 -14.32
C VAL B 331 -12.30 27.01 -14.43
N THR B 332 -12.21 28.03 -15.29
CA THR B 332 -13.32 28.95 -15.51
C THR B 332 -14.59 28.20 -15.94
N GLN B 333 -14.42 27.19 -16.80
CA GLN B 333 -15.53 26.39 -17.30
C GLN B 333 -16.21 25.53 -16.24
N LEU B 334 -15.40 24.81 -15.45
CA LEU B 334 -15.93 23.95 -14.40
C LEU B 334 -16.43 24.71 -13.16
N ARG B 335 -16.02 25.96 -13.01
CA ARG B 335 -16.57 26.77 -11.93
C ARG B 335 -17.95 27.23 -12.35
N ALA B 336 -18.09 27.67 -13.60
CA ALA B 336 -19.37 28.08 -14.17
C ALA B 336 -20.39 26.93 -14.20
N SER B 337 -19.92 25.72 -14.47
CA SER B 337 -20.83 24.57 -14.53
C SER B 337 -21.19 24.03 -13.14
N GLY B 338 -20.62 24.61 -12.10
CA GLY B 338 -20.84 24.19 -10.73
C GLY B 338 -20.03 22.99 -10.30
N VAL B 339 -19.14 22.50 -11.17
CA VAL B 339 -18.36 21.31 -10.88
C VAL B 339 -17.27 21.59 -9.85
N ILE B 340 -16.62 22.73 -10.00
CA ILE B 340 -15.65 23.20 -9.01
C ILE B 340 -16.39 24.13 -8.04
N LYS B 341 -16.27 23.85 -6.74
CA LYS B 341 -16.94 24.63 -5.71
C LYS B 341 -15.96 25.01 -4.61
N ASP B 342 -16.00 26.24 -4.15
CA ASP B 342 -15.05 26.69 -3.15
C ASP B 342 -15.29 26.12 -1.76
N GLU B 343 -16.52 25.72 -1.46
CA GLU B 343 -16.81 25.20 -0.13
C GLU B 343 -16.30 23.78 0.07
N ASP B 344 -15.83 23.16 -1.01
CA ASP B 344 -15.10 21.90 -0.91
C ASP B 344 -13.69 22.21 -0.39
N PRO B 345 -13.35 21.67 0.80
CA PRO B 345 -12.08 22.00 1.49
C PRO B 345 -10.83 21.66 0.67
N SER B 346 -10.96 20.66 -0.19
CA SER B 346 -9.91 20.31 -1.14
C SER B 346 -9.62 21.45 -2.11
N VAL B 347 -10.68 22.05 -2.63
CA VAL B 347 -10.58 23.17 -3.54
C VAL B 347 -10.13 24.43 -2.81
N ALA B 348 -10.64 24.61 -1.60
CA ALA B 348 -10.27 25.75 -0.77
C ALA B 348 -8.78 25.70 -0.44
N GLY B 349 -8.27 24.50 -0.18
CA GLY B 349 -6.85 24.32 0.06
C GLY B 349 -6.00 24.70 -1.14
N LEU B 350 -6.45 24.31 -2.32
CA LEU B 350 -5.76 24.65 -3.56
C LEU B 350 -5.74 26.17 -3.75
N ASN B 351 -6.91 26.80 -3.66
CA ASN B 351 -7.02 28.26 -3.73
C ASN B 351 -6.04 28.93 -2.78
N ALA B 353 -3.33 27.69 -1.52
CA ALA B 353 -1.94 27.40 -1.88
C ALA B 353 -1.46 28.18 -3.10
N LEU B 354 -2.35 28.38 -4.07
CA LEU B 354 -2.01 29.13 -5.26
C LEU B 354 -1.66 30.58 -4.94
N GLU B 355 -2.23 31.11 -3.85
CA GLU B 355 -2.03 32.50 -3.49
C GLU B 355 -0.77 32.74 -2.66
N LEU B 356 -0.46 31.84 -1.73
CA LEU B 356 0.76 31.95 -0.94
C LEU B 356 1.96 32.12 -1.86
N PRO B 357 2.89 33.01 -1.50
CA PRO B 357 4.07 33.19 -2.36
C PRO B 357 4.90 31.91 -2.34
N HIS B 358 5.23 31.36 -3.51
CA HIS B 358 6.03 30.15 -3.58
C HIS B 358 7.01 30.15 -4.76
N PRO B 359 7.94 31.12 -4.78
CA PRO B 359 8.89 31.20 -5.91
C PRO B 359 9.79 29.95 -5.99
N THR B 361 10.78 26.31 -6.26
CA THR B 361 10.20 25.04 -6.71
C THR B 361 10.82 23.85 -5.98
N THR B 362 10.37 22.64 -6.30
CA THR B 362 10.92 21.44 -5.68
C THR B 362 11.56 20.54 -6.71
N SER B 363 12.79 20.08 -6.46
CA SER B 363 13.39 19.09 -7.34
C SER B 363 12.71 17.72 -7.19
N PRO B 364 12.48 17.01 -8.30
CA PRO B 364 11.85 15.68 -8.26
C PRO B 364 12.74 14.67 -7.54
N TYR B 365 14.02 14.97 -7.44
CA TYR B 365 14.93 14.09 -6.73
C TYR B 365 14.66 14.08 -5.23
N PHE B 366 13.99 15.12 -4.75
CA PHE B 366 13.57 15.20 -3.35
C PHE B 366 12.48 14.17 -3.01
N LEU B 367 11.90 13.56 -4.03
CA LEU B 367 10.85 12.57 -3.85
C LEU B 367 11.38 11.17 -3.66
N ASP B 368 12.64 10.96 -4.03
CA ASP B 368 13.28 9.65 -4.00
C ASP B 368 12.95 8.87 -2.72
N TRP B 369 12.32 7.70 -2.90
CA TRP B 369 11.91 6.86 -1.78
C TRP B 369 13.09 6.58 -0.85
N GLN B 370 14.28 6.40 -1.41
CA GLN B 370 15.45 6.12 -0.57
C GLN B 370 15.71 7.26 0.40
N ILE B 371 15.37 8.50 0.00
CA ILE B 371 15.56 9.67 0.84
C ILE B 371 14.52 9.66 1.95
N TRP B 372 13.26 9.40 1.61
CA TRP B 372 12.21 9.38 2.62
C TRP B 372 12.43 8.22 3.61
N SER B 373 12.84 7.08 3.06
CA SER B 373 13.20 5.94 3.87
C SER B 373 14.33 6.29 4.83
N LEU B 374 15.37 6.96 4.34
CA LEU B 374 16.51 7.37 5.16
C LEU B 374 16.05 8.30 6.27
N PHE B 375 15.07 9.14 5.95
CA PHE B 375 14.55 10.10 6.91
C PHE B 375 13.84 9.42 8.08
N LEU B 376 13.06 8.37 7.80
CA LEU B 376 12.43 7.61 8.87
C LEU B 376 13.51 7.04 9.78
N ASP B 377 14.55 6.48 9.17
CA ASP B 377 15.69 5.95 9.91
C ASP B 377 16.24 6.99 10.86
N ALA B 378 16.41 8.19 10.31
CA ALA B 378 16.98 9.32 11.03
C ALA B 378 16.17 9.64 12.29
N ILE B 379 14.86 9.84 12.12
CA ILE B 379 14.03 10.25 13.24
C ILE B 379 13.86 9.12 14.28
N GLN B 380 13.98 7.89 13.82
CA GLN B 380 13.99 6.76 14.76
C GLN B 380 15.25 6.80 15.60
N TYR B 381 16.37 7.12 14.96
CA TYR B 381 17.64 7.25 15.67
C TYR B 381 17.48 8.21 16.84
N ILE B 382 16.81 9.32 16.57
CA ILE B 382 16.57 10.34 17.58
C ILE B 382 15.56 9.85 18.63
N ASP B 383 14.40 9.39 18.19
CA ASP B 383 13.34 9.03 19.12
C ASP B 383 13.70 7.83 20.02
N TYR B 384 14.58 6.96 19.54
CA TYR B 384 14.98 5.78 20.28
C TYR B 384 16.28 6.03 21.04
N GLY B 385 16.75 7.28 21.00
CA GLY B 385 17.94 7.68 21.74
C GLY B 385 19.25 7.03 21.30
N GLN B 386 19.29 6.60 20.04
CA GLN B 386 20.44 5.87 19.52
C GLN B 386 21.47 6.76 18.85
N LYS B 387 21.08 7.96 18.45
CA LYS B 387 22.04 9.00 18.06
C LYS B 387 21.54 10.29 18.63
N THR B 388 22.44 11.22 18.94
CA THR B 388 22.03 12.57 19.27
C THR B 388 21.51 13.27 18.01
N VAL B 389 20.90 14.43 18.18
CA VAL B 389 20.39 15.23 17.07
C VAL B 389 21.54 15.58 16.11
N GLN B 390 22.69 15.90 16.69
CA GLN B 390 23.85 16.30 15.88
C GLN B 390 24.36 15.15 15.03
N GLU B 391 24.46 13.97 15.64
CA GLU B 391 24.95 12.78 14.95
C GLU B 391 23.98 12.38 13.85
N THR B 392 22.69 12.55 14.12
CA THR B 392 21.65 12.19 13.19
C THR B 392 21.67 13.12 11.97
N ALA B 393 21.85 14.42 12.24
CA ALA B 393 21.97 15.41 11.17
C ALA B 393 23.10 15.06 10.20
N GLU B 394 24.27 14.75 10.75
CA GLU B 394 25.46 14.42 9.95
C GLU B 394 25.27 13.13 9.14
N TYR B 395 24.68 12.12 9.76
CA TYR B 395 24.37 10.86 9.11
C TYR B 395 23.39 11.04 7.94
N PHE B 396 22.34 11.81 8.17
CA PHE B 396 21.37 12.05 7.12
C PHE B 396 21.99 12.80 5.94
N ASN B 397 22.79 13.83 6.24
CA ASN B 397 23.50 14.61 5.21
C ASN B 397 24.45 13.73 4.35
N LYS B 398 25.26 12.90 5.01
CA LYS B 398 26.23 12.05 4.33
C LYS B 398 25.57 10.91 3.54
N GLN B 399 24.65 10.19 4.17
CA GLN B 399 23.90 9.16 3.46
C GLN B 399 23.04 9.76 2.36
N GLY B 400 22.31 10.82 2.68
CA GLY B 400 21.48 11.50 1.71
C GLY B 400 22.26 11.94 0.48
N ASP B 401 23.45 12.49 0.69
CA ASP B 401 24.30 12.91 -0.43
C ASP B 401 24.73 11.72 -1.27
N ARG B 402 25.00 10.59 -0.63
CA ARG B 402 25.41 9.38 -1.34
C ARG B 402 24.30 8.91 -2.29
N ILE B 403 23.05 9.02 -1.82
CA ILE B 403 21.86 8.66 -2.59
C ILE B 403 21.59 9.65 -3.70
N LEU B 404 21.68 10.93 -3.37
CA LEU B 404 21.46 12.00 -4.33
C LEU B 404 22.47 11.97 -5.49
N LYS B 405 23.71 11.60 -5.20
CA LYS B 405 24.75 11.59 -6.21
C LYS B 405 24.46 10.50 -7.22
N ARG B 406 24.04 9.34 -6.72
CA ARG B 406 23.76 8.20 -7.58
C ARG B 406 22.50 8.44 -8.40
N ALA B 407 21.48 9.02 -7.78
CA ALA B 407 20.22 9.24 -8.47
C ALA B 407 20.27 10.34 -9.55
N ARG B 409 22.97 10.98 -11.41
CA ARG B 409 24.09 10.67 -12.30
C ARG B 409 23.77 10.99 -13.75
#